data_2E5R
#
_entry.id   2E5R
#
loop_
_entity.id
_entity.type
_entity.pdbx_description
1 polymer 'Dystrobrevin alpha'
2 non-polymer 'ZINC ION'
#
_entity_poly.entity_id   1
_entity_poly.type   'polypeptide(L)'
_entity_poly.pdbx_seq_one_letter_code
;GSSGSSGVFHPVECSYCHSESMMGFRYRCQQCHNYQLCQDCFWRGHAGGSHSNQHQMKEYTSW
;
_entity_poly.pdbx_strand_id   A
#
loop_
_chem_comp.id
_chem_comp.type
_chem_comp.name
_chem_comp.formula
ZN non-polymer 'ZINC ION' 'Zn 2'
#
# COMPACT_ATOMS: atom_id res chain seq x y z
N GLY A 1 -16.50 4.90 3.04
CA GLY A 1 -16.30 3.60 3.65
C GLY A 1 -17.38 3.25 4.65
N SER A 2 -17.42 1.99 5.07
CA SER A 2 -18.42 1.54 6.02
C SER A 2 -18.10 0.12 6.50
N SER A 3 -18.03 -0.05 7.81
CA SER A 3 -17.73 -1.36 8.39
C SER A 3 -18.02 -1.36 9.90
N GLY A 4 -18.04 -2.55 10.49
CA GLY A 4 -18.31 -2.66 11.91
C GLY A 4 -17.08 -3.05 12.70
N SER A 5 -17.09 -2.74 14.00
CA SER A 5 -15.96 -3.06 14.86
C SER A 5 -16.25 -4.29 15.71
N SER A 6 -16.86 -5.29 15.10
CA SER A 6 -17.20 -6.53 15.79
C SER A 6 -16.68 -7.75 15.04
N GLY A 7 -15.46 -7.65 14.53
CA GLY A 7 -14.87 -8.74 13.79
C GLY A 7 -13.48 -8.42 13.29
N VAL A 8 -13.39 -7.84 12.10
CA VAL A 8 -12.11 -7.48 11.51
C VAL A 8 -11.54 -6.22 12.15
N PHE A 9 -10.24 -6.23 12.40
CA PHE A 9 -9.57 -5.09 13.01
C PHE A 9 -8.24 -4.79 12.33
N HIS A 10 -8.12 -3.60 11.76
CA HIS A 10 -6.90 -3.19 11.07
C HIS A 10 -6.50 -4.23 10.02
N PRO A 11 -7.44 -4.54 9.12
CA PRO A 11 -7.22 -5.53 8.05
C PRO A 11 -6.24 -5.01 7.00
N VAL A 12 -6.04 -5.80 5.95
CA VAL A 12 -5.13 -5.43 4.86
C VAL A 12 -5.72 -4.31 4.02
N GLU A 13 -5.44 -3.07 4.42
CA GLU A 13 -5.93 -1.91 3.69
C GLU A 13 -4.77 -1.03 3.20
N CYS A 14 -4.85 -0.62 1.94
CA CYS A 14 -3.81 0.22 1.35
C CYS A 14 -3.80 1.60 1.99
N SER A 15 -2.88 2.44 1.54
CA SER A 15 -2.75 3.80 2.07
C SER A 15 -3.44 4.80 1.16
N TYR A 16 -3.34 4.58 -0.15
CA TYR A 16 -3.94 5.47 -1.13
C TYR A 16 -5.27 4.90 -1.62
N CYS A 17 -5.20 3.85 -2.43
CA CYS A 17 -6.39 3.22 -2.97
C CYS A 17 -7.23 2.60 -1.85
N HIS A 18 -6.65 2.49 -0.67
CA HIS A 18 -7.34 1.92 0.48
C HIS A 18 -8.21 0.75 0.06
N SER A 19 -7.61 -0.22 -0.63
CA SER A 19 -8.33 -1.40 -1.09
C SER A 19 -8.87 -2.20 0.09
N GLU A 20 -9.69 -3.19 -0.21
CA GLU A 20 -10.29 -4.04 0.82
C GLU A 20 -10.01 -5.51 0.54
N SER A 21 -10.17 -5.92 -0.71
CA SER A 21 -9.94 -7.30 -1.11
C SER A 21 -8.53 -7.75 -0.71
N MET A 22 -8.42 -9.02 -0.33
CA MET A 22 -7.13 -9.57 0.08
C MET A 22 -6.43 -10.24 -1.10
N MET A 23 -5.81 -9.42 -1.95
CA MET A 23 -5.10 -9.93 -3.12
C MET A 23 -3.68 -9.37 -3.18
N GLY A 24 -3.56 -8.05 -3.04
CA GLY A 24 -2.26 -7.42 -3.08
C GLY A 24 -1.45 -7.66 -1.82
N PHE A 25 -0.32 -6.97 -1.69
CA PHE A 25 0.54 -7.11 -0.53
C PHE A 25 1.10 -5.77 -0.10
N ARG A 26 1.90 -5.78 0.98
CA ARG A 26 2.49 -4.55 1.50
C ARG A 26 3.77 -4.22 0.74
N TYR A 27 3.72 -3.19 -0.10
CA TYR A 27 4.87 -2.76 -0.87
C TYR A 27 5.37 -1.39 -0.41
N ARG A 28 6.47 -1.39 0.32
CA ARG A 28 7.05 -0.15 0.83
C ARG A 28 8.18 0.34 -0.08
N CYS A 29 8.04 1.55 -0.59
CA CYS A 29 9.03 2.14 -1.47
C CYS A 29 10.44 1.94 -0.92
N GLN A 30 11.44 2.08 -1.78
CA GLN A 30 12.83 1.91 -1.37
C GLN A 30 13.28 3.06 -0.47
N GLN A 31 13.47 4.23 -1.06
CA GLN A 31 13.90 5.40 -0.31
C GLN A 31 12.77 6.41 -0.19
N CYS A 32 12.17 6.48 1.00
CA CYS A 32 11.06 7.40 1.25
C CYS A 32 10.66 7.37 2.72
N HIS A 33 9.84 8.34 3.12
CA HIS A 33 9.37 8.42 4.51
C HIS A 33 8.22 7.44 4.75
N ASN A 34 7.07 7.74 4.15
CA ASN A 34 5.90 6.88 4.31
C ASN A 34 5.21 6.65 2.97
N TYR A 35 5.67 5.63 2.25
CA TYR A 35 5.10 5.31 0.95
C TYR A 35 4.82 3.81 0.83
N GLN A 36 3.56 3.44 0.98
CA GLN A 36 3.16 2.03 0.89
C GLN A 36 2.07 1.83 -0.17
N LEU A 37 2.24 0.82 -1.01
CA LEU A 37 1.28 0.52 -2.06
C LEU A 37 1.02 -0.97 -2.14
N CYS A 38 0.01 -1.34 -2.94
CA CYS A 38 -0.35 -2.74 -3.11
C CYS A 38 -0.12 -3.19 -4.55
N GLN A 39 -0.35 -4.47 -4.81
CA GLN A 39 -0.17 -5.02 -6.15
C GLN A 39 -0.74 -4.08 -7.21
N ASP A 40 -2.02 -3.73 -7.05
CA ASP A 40 -2.69 -2.86 -7.98
C ASP A 40 -1.93 -1.54 -8.14
N CYS A 41 -1.94 -0.72 -7.09
CA CYS A 41 -1.26 0.56 -7.10
C CYS A 41 0.05 0.47 -7.88
N PHE A 42 0.79 -0.62 -7.66
CA PHE A 42 2.06 -0.83 -8.34
C PHE A 42 1.85 -1.09 -9.83
N TRP A 43 1.00 -2.06 -10.13
CA TRP A 43 0.70 -2.40 -11.51
C TRP A 43 0.44 -1.16 -12.35
N ARG A 44 -0.35 -0.23 -11.80
CA ARG A 44 -0.68 1.00 -12.50
C ARG A 44 0.44 2.03 -12.35
N GLY A 45 1.04 2.06 -11.16
CA GLY A 45 2.12 3.00 -10.92
C GLY A 45 1.64 4.32 -10.34
N HIS A 46 2.09 4.63 -9.14
CA HIS A 46 1.70 5.87 -8.47
C HIS A 46 2.91 6.69 -8.06
N ALA A 47 2.72 7.99 -7.88
CA ALA A 47 3.80 8.87 -7.50
C ALA A 47 3.29 10.30 -7.24
N GLY A 48 4.21 11.21 -6.96
CA GLY A 48 3.83 12.58 -6.70
C GLY A 48 5.03 13.47 -6.40
N GLY A 49 4.77 14.75 -6.15
CA GLY A 49 5.84 15.69 -5.84
C GLY A 49 6.91 15.07 -4.96
N SER A 50 6.49 14.20 -4.05
CA SER A 50 7.42 13.55 -3.13
C SER A 50 7.98 12.26 -3.75
N HIS A 51 7.13 11.25 -3.85
CA HIS A 51 7.54 9.97 -4.43
C HIS A 51 7.74 10.09 -5.93
N SER A 52 8.81 9.49 -6.44
CA SER A 52 9.11 9.53 -7.86
C SER A 52 8.81 8.19 -8.52
N ASN A 53 8.18 8.24 -9.69
CA ASN A 53 7.84 7.03 -10.42
C ASN A 53 9.05 6.11 -10.57
N GLN A 54 10.25 6.70 -10.43
CA GLN A 54 11.48 5.95 -10.56
C GLN A 54 11.87 5.33 -9.22
N HIS A 55 10.88 5.12 -8.35
CA HIS A 55 11.13 4.54 -7.04
C HIS A 55 10.58 3.12 -6.96
N GLN A 56 11.45 2.17 -6.65
CA GLN A 56 11.06 0.77 -6.55
C GLN A 56 10.40 0.49 -5.20
N MET A 57 9.59 -0.57 -5.15
CA MET A 57 8.90 -0.95 -3.93
C MET A 57 9.38 -2.31 -3.43
N LYS A 58 9.45 -2.46 -2.11
CA LYS A 58 9.89 -3.72 -1.51
C LYS A 58 8.72 -4.46 -0.86
N GLU A 59 8.75 -5.78 -0.94
CA GLU A 59 7.69 -6.59 -0.35
C GLU A 59 7.95 -6.86 1.13
N TYR A 60 6.98 -6.53 1.96
CA TYR A 60 7.11 -6.72 3.40
C TYR A 60 5.85 -7.35 3.98
N THR A 61 6.00 -8.03 5.11
CA THR A 61 4.87 -8.68 5.77
C THR A 61 4.60 -8.06 7.14
N SER A 62 3.80 -6.99 7.15
CA SER A 62 3.47 -6.31 8.40
C SER A 62 1.96 -6.10 8.53
N TRP A 63 1.36 -5.56 7.47
CA TRP A 63 -0.08 -5.31 7.45
C TRP A 63 -0.85 -6.62 7.25
ZN ZN B . -3.27 0.19 -3.29
ZN ZN C . 9.60 6.73 -3.14
N GLY A 1 -20.48 -2.35 1.00
CA GLY A 1 -19.50 -3.27 1.56
C GLY A 1 -20.15 -4.43 2.27
N SER A 2 -19.33 -5.38 2.71
CA SER A 2 -19.83 -6.57 3.41
C SER A 2 -18.76 -7.15 4.32
N SER A 3 -19.18 -8.04 5.22
CA SER A 3 -18.27 -8.68 6.15
C SER A 3 -18.02 -10.14 5.78
N GLY A 4 -16.78 -10.58 5.94
CA GLY A 4 -16.43 -11.95 5.61
C GLY A 4 -15.40 -12.54 6.55
N SER A 5 -14.90 -13.72 6.20
CA SER A 5 -13.90 -14.39 7.03
C SER A 5 -12.71 -13.46 7.31
N SER A 6 -11.93 -13.80 8.33
CA SER A 6 -10.77 -13.01 8.70
C SER A 6 -9.54 -13.89 8.88
N GLY A 7 -8.83 -14.14 7.78
CA GLY A 7 -7.64 -14.97 7.85
C GLY A 7 -6.49 -14.28 8.55
N VAL A 8 -5.68 -13.55 7.78
CA VAL A 8 -4.54 -12.84 8.34
C VAL A 8 -4.89 -12.18 9.67
N PHE A 9 -4.04 -12.38 10.67
CA PHE A 9 -4.27 -11.80 11.99
C PHE A 9 -4.42 -10.28 11.91
N HIS A 10 -3.48 -9.64 11.21
CA HIS A 10 -3.51 -8.19 11.05
C HIS A 10 -4.23 -7.80 9.77
N PRO A 11 -4.85 -6.61 9.78
CA PRO A 11 -5.59 -6.09 8.62
C PRO A 11 -4.66 -5.71 7.47
N VAL A 12 -4.87 -6.33 6.31
CA VAL A 12 -4.06 -6.06 5.14
C VAL A 12 -4.70 -4.99 4.26
N GLU A 13 -4.42 -3.72 4.58
CA GLU A 13 -4.98 -2.61 3.82
C GLU A 13 -3.87 -1.77 3.20
N CYS A 14 -4.22 -1.00 2.17
CA CYS A 14 -3.26 -0.14 1.48
C CYS A 14 -3.13 1.21 2.18
N SER A 15 -2.32 2.09 1.59
CA SER A 15 -2.11 3.42 2.16
C SER A 15 -2.88 4.47 1.37
N TYR A 16 -2.86 4.33 0.04
CA TYR A 16 -3.55 5.28 -0.83
C TYR A 16 -4.92 4.74 -1.24
N CYS A 17 -4.93 3.74 -2.11
CA CYS A 17 -6.17 3.13 -2.58
C CYS A 17 -6.96 2.55 -1.41
N HIS A 18 -6.29 2.35 -0.29
CA HIS A 18 -6.93 1.80 0.91
C HIS A 18 -7.76 0.57 0.55
N SER A 19 -7.16 -0.35 -0.20
CA SER A 19 -7.84 -1.57 -0.60
C SER A 19 -7.99 -2.53 0.58
N GLU A 20 -9.06 -3.33 0.56
CA GLU A 20 -9.33 -4.28 1.62
C GLU A 20 -9.18 -5.72 1.10
N SER A 21 -9.79 -5.99 -0.04
CA SER A 21 -9.73 -7.32 -0.63
C SER A 21 -8.28 -7.79 -0.77
N MET A 22 -8.03 -9.02 -0.33
CA MET A 22 -6.68 -9.58 -0.41
C MET A 22 -6.32 -9.94 -1.84
N MET A 23 -5.73 -8.98 -2.56
CA MET A 23 -5.34 -9.18 -3.94
C MET A 23 -3.82 -9.27 -4.06
N GLY A 24 -3.14 -8.22 -3.64
CA GLY A 24 -1.68 -8.20 -3.71
C GLY A 24 -1.03 -8.38 -2.35
N PHE A 25 -0.16 -7.45 -1.99
CA PHE A 25 0.54 -7.51 -0.71
C PHE A 25 1.06 -6.13 -0.31
N ARG A 26 1.76 -6.08 0.82
CA ARG A 26 2.31 -4.83 1.31
C ARG A 26 3.65 -4.53 0.65
N TYR A 27 3.66 -3.54 -0.25
CA TYR A 27 4.88 -3.16 -0.95
C TYR A 27 5.26 -1.73 -0.63
N ARG A 28 6.32 -1.56 0.17
CA ARG A 28 6.79 -0.24 0.55
C ARG A 28 7.91 0.23 -0.37
N CYS A 29 7.78 1.46 -0.87
CA CYS A 29 8.78 2.03 -1.77
C CYS A 29 10.19 1.80 -1.22
N GLN A 30 11.18 1.88 -2.12
CA GLN A 30 12.57 1.68 -1.72
C GLN A 30 13.04 2.81 -0.81
N GLN A 31 13.28 3.97 -1.40
CA GLN A 31 13.74 5.14 -0.63
C GLN A 31 12.63 6.18 -0.51
N CYS A 32 12.03 6.26 0.68
CA CYS A 32 10.96 7.21 0.93
C CYS A 32 10.56 7.20 2.40
N HIS A 33 9.99 8.32 2.86
CA HIS A 33 9.55 8.44 4.24
C HIS A 33 8.39 7.49 4.54
N ASN A 34 7.21 7.83 4.01
CA ASN A 34 6.02 7.02 4.22
C ASN A 34 5.29 6.79 2.89
N TYR A 35 5.74 5.80 2.15
CA TYR A 35 5.14 5.47 0.85
C TYR A 35 4.88 3.97 0.74
N GLN A 36 3.63 3.57 0.92
CA GLN A 36 3.25 2.17 0.83
C GLN A 36 2.16 1.96 -0.21
N LEU A 37 2.25 0.86 -0.95
CA LEU A 37 1.26 0.55 -1.97
C LEU A 37 1.10 -0.97 -2.12
N CYS A 38 0.11 -1.37 -2.92
CA CYS A 38 -0.16 -2.78 -3.15
C CYS A 38 0.14 -3.17 -4.60
N GLN A 39 -0.02 -4.46 -4.91
CA GLN A 39 0.24 -4.94 -6.26
C GLN A 39 -0.48 -4.07 -7.29
N ASP A 40 -1.75 -3.80 -7.05
CA ASP A 40 -2.55 -2.99 -7.97
C ASP A 40 -1.93 -1.60 -8.13
N CYS A 41 -1.89 -0.85 -7.03
CA CYS A 41 -1.34 0.49 -7.05
C CYS A 41 -0.04 0.53 -7.85
N PHE A 42 0.85 -0.41 -7.56
CA PHE A 42 2.13 -0.48 -8.26
C PHE A 42 1.93 -0.70 -9.75
N TRP A 43 1.17 -1.74 -10.09
CA TRP A 43 0.90 -2.06 -11.49
C TRP A 43 0.51 -0.81 -12.27
N ARG A 44 -0.50 -0.09 -11.78
CA ARG A 44 -0.96 1.12 -12.43
C ARG A 44 0.12 2.20 -12.40
N GLY A 45 0.83 2.29 -11.28
CA GLY A 45 1.88 3.28 -11.15
C GLY A 45 1.41 4.54 -10.44
N HIS A 46 1.93 4.78 -9.25
CA HIS A 46 1.56 5.96 -8.48
C HIS A 46 2.79 6.78 -8.09
N ALA A 47 2.58 8.08 -7.86
CA ALA A 47 3.67 8.96 -7.49
C ALA A 47 3.16 10.36 -7.16
N GLY A 48 4.08 11.28 -6.91
CA GLY A 48 3.69 12.64 -6.58
C GLY A 48 4.89 13.54 -6.33
N GLY A 49 4.62 14.81 -6.04
CA GLY A 49 5.70 15.75 -5.79
C GLY A 49 6.82 15.15 -4.96
N SER A 50 6.47 14.21 -4.09
CA SER A 50 7.45 13.55 -3.23
C SER A 50 7.99 12.30 -3.89
N HIS A 51 7.16 11.25 -3.93
CA HIS A 51 7.56 9.98 -4.54
C HIS A 51 7.75 10.13 -6.04
N SER A 52 8.64 9.32 -6.60
CA SER A 52 8.92 9.36 -8.03
C SER A 52 8.45 8.09 -8.72
N ASN A 53 8.22 8.19 -10.03
CA ASN A 53 7.76 7.03 -10.80
C ASN A 53 8.88 6.02 -10.96
N GLN A 54 10.12 6.47 -10.84
CA GLN A 54 11.28 5.59 -10.97
C GLN A 54 11.66 5.00 -9.62
N HIS A 55 10.70 4.91 -8.71
CA HIS A 55 10.93 4.36 -7.39
C HIS A 55 10.38 2.95 -7.28
N GLN A 56 11.25 2.00 -6.92
CA GLN A 56 10.84 0.61 -6.80
C GLN A 56 10.18 0.36 -5.44
N MET A 57 9.57 -0.81 -5.28
CA MET A 57 8.90 -1.17 -4.05
C MET A 57 9.38 -2.53 -3.54
N LYS A 58 9.38 -2.70 -2.23
CA LYS A 58 9.81 -3.96 -1.62
C LYS A 58 8.71 -4.55 -0.75
N GLU A 59 8.64 -5.87 -0.71
CA GLU A 59 7.63 -6.56 0.09
C GLU A 59 8.00 -6.56 1.57
N TYR A 60 7.05 -6.19 2.42
CA TYR A 60 7.29 -6.13 3.86
C TYR A 60 6.39 -7.12 4.59
N THR A 61 6.60 -7.24 5.90
CA THR A 61 5.81 -8.15 6.72
C THR A 61 4.60 -7.45 7.31
N SER A 62 4.83 -6.26 7.87
CA SER A 62 3.75 -5.48 8.48
C SER A 62 3.54 -4.16 7.73
N TRP A 63 2.28 -3.87 7.42
CA TRP A 63 1.94 -2.64 6.70
C TRP A 63 2.41 -1.41 7.47
ZN ZN B . -3.24 -0.01 -3.17
ZN ZN C . 9.45 6.58 -3.46
N GLY A 1 -22.45 7.03 1.16
CA GLY A 1 -22.42 6.80 2.59
C GLY A 1 -21.52 5.66 2.98
N SER A 2 -20.54 5.94 3.84
CA SER A 2 -19.60 4.93 4.29
C SER A 2 -19.42 4.99 5.80
N SER A 3 -18.95 6.15 6.29
CA SER A 3 -18.72 6.33 7.71
C SER A 3 -19.90 5.80 8.53
N GLY A 4 -19.64 5.43 9.77
CA GLY A 4 -20.68 4.91 10.64
C GLY A 4 -20.31 4.97 12.10
N SER A 5 -20.66 3.92 12.85
CA SER A 5 -20.36 3.86 14.27
C SER A 5 -18.90 3.52 14.50
N SER A 6 -18.47 2.36 14.01
CA SER A 6 -17.09 1.92 14.18
C SER A 6 -16.42 1.75 12.81
N GLY A 7 -15.16 2.15 12.73
CA GLY A 7 -14.42 2.03 11.48
C GLY A 7 -13.59 0.76 11.42
N VAL A 8 -14.25 -0.38 11.60
CA VAL A 8 -13.56 -1.67 11.56
C VAL A 8 -13.53 -2.23 10.14
N PHE A 9 -12.33 -2.58 9.68
CA PHE A 9 -12.16 -3.12 8.34
C PHE A 9 -11.14 -4.25 8.34
N HIS A 10 -11.16 -5.07 7.29
CA HIS A 10 -10.24 -6.20 7.17
C HIS A 10 -8.82 -5.77 7.54
N PRO A 11 -8.03 -6.72 8.06
CA PRO A 11 -6.65 -6.47 8.47
C PRO A 11 -5.74 -6.23 7.27
N VAL A 12 -6.33 -6.15 6.08
CA VAL A 12 -5.56 -5.92 4.87
C VAL A 12 -6.08 -4.71 4.10
N GLU A 13 -5.42 -3.57 4.29
CA GLU A 13 -5.82 -2.34 3.62
C GLU A 13 -4.62 -1.65 2.98
N CYS A 14 -4.89 -0.64 2.15
CA CYS A 14 -3.84 0.09 1.48
C CYS A 14 -3.81 1.55 1.93
N SER A 15 -2.83 2.30 1.45
CA SER A 15 -2.68 3.71 1.82
C SER A 15 -3.40 4.61 0.81
N TYR A 16 -2.98 4.53 -0.44
CA TYR A 16 -3.56 5.33 -1.50
C TYR A 16 -4.94 4.80 -1.88
N CYS A 17 -4.95 3.62 -2.51
CA CYS A 17 -6.20 3.00 -2.93
C CYS A 17 -7.02 2.55 -1.72
N HIS A 18 -6.36 2.42 -0.58
CA HIS A 18 -7.03 2.01 0.65
C HIS A 18 -8.15 1.01 0.35
N SER A 19 -7.85 0.03 -0.50
CA SER A 19 -8.83 -0.98 -0.87
C SER A 19 -9.05 -1.97 0.27
N GLU A 20 -9.85 -3.00 0.01
CA GLU A 20 -10.14 -4.03 1.01
C GLU A 20 -9.93 -5.41 0.44
N SER A 21 -10.33 -5.60 -0.82
CA SER A 21 -10.19 -6.89 -1.48
C SER A 21 -8.76 -7.41 -1.36
N MET A 22 -8.63 -8.66 -0.90
CA MET A 22 -7.31 -9.27 -0.75
C MET A 22 -6.69 -9.60 -2.10
N MET A 23 -6.08 -8.59 -2.72
CA MET A 23 -5.46 -8.77 -4.03
C MET A 23 -4.07 -8.13 -4.06
N GLY A 24 -3.07 -8.87 -3.58
CA GLY A 24 -1.71 -8.36 -3.56
C GLY A 24 -1.10 -8.38 -2.17
N PHE A 25 -0.08 -7.56 -1.96
CA PHE A 25 0.59 -7.49 -0.66
C PHE A 25 1.09 -6.08 -0.39
N ARG A 26 1.68 -5.88 0.79
CA ARG A 26 2.21 -4.58 1.18
C ARG A 26 3.57 -4.33 0.55
N TYR A 27 3.66 -3.30 -0.28
CA TYR A 27 4.91 -2.95 -0.94
C TYR A 27 5.38 -1.55 -0.55
N ARG A 28 6.45 -1.48 0.22
CA ARG A 28 7.00 -0.21 0.67
C ARG A 28 8.07 0.29 -0.29
N CYS A 29 7.91 1.52 -0.76
CA CYS A 29 8.86 2.11 -1.69
C CYS A 29 10.29 1.95 -1.18
N GLN A 30 11.25 2.11 -2.08
CA GLN A 30 12.67 1.99 -1.71
C GLN A 30 13.10 3.12 -0.80
N GLN A 31 13.27 4.31 -1.36
CA GLN A 31 13.70 5.46 -0.60
C GLN A 31 12.55 6.46 -0.44
N CYS A 32 11.96 6.50 0.74
CA CYS A 32 10.85 7.40 1.02
C CYS A 32 10.45 7.36 2.49
N HIS A 33 9.78 8.40 2.96
CA HIS A 33 9.34 8.48 4.35
C HIS A 33 8.20 7.50 4.61
N ASN A 34 7.03 7.82 4.07
CA ASN A 34 5.86 6.98 4.25
C ASN A 34 5.15 6.74 2.91
N TYR A 35 5.62 5.74 2.17
CA TYR A 35 5.03 5.42 0.87
C TYR A 35 4.82 3.92 0.74
N GLN A 36 3.57 3.49 0.90
CA GLN A 36 3.23 2.07 0.80
C GLN A 36 2.11 1.85 -0.22
N LEU A 37 2.30 0.87 -1.09
CA LEU A 37 1.31 0.55 -2.11
C LEU A 37 1.13 -0.96 -2.26
N CYS A 38 0.01 -1.36 -2.83
CA CYS A 38 -0.28 -2.77 -3.04
C CYS A 38 -0.01 -3.18 -4.48
N GLN A 39 0.13 -4.49 -4.71
CA GLN A 39 0.38 -5.01 -6.05
C GLN A 39 -0.33 -4.17 -7.11
N ASP A 40 -1.63 -3.99 -6.92
CA ASP A 40 -2.43 -3.21 -7.85
C ASP A 40 -1.87 -1.81 -8.02
N CYS A 41 -1.86 -1.04 -6.92
CA CYS A 41 -1.35 0.31 -6.94
C CYS A 41 -0.08 0.42 -7.78
N PHE A 42 0.88 -0.45 -7.50
CA PHE A 42 2.14 -0.48 -8.23
C PHE A 42 1.90 -0.71 -9.73
N TRP A 43 1.21 -1.79 -10.05
CA TRP A 43 0.90 -2.13 -11.43
C TRP A 43 0.39 -0.91 -12.19
N ARG A 44 -0.43 -0.12 -11.52
CA ARG A 44 -1.00 1.08 -12.14
C ARG A 44 0.05 2.18 -12.24
N GLY A 45 0.88 2.30 -11.21
CA GLY A 45 1.92 3.32 -11.20
C GLY A 45 1.49 4.59 -10.48
N HIS A 46 1.84 4.68 -9.20
CA HIS A 46 1.49 5.83 -8.39
C HIS A 46 2.74 6.65 -8.05
N ALA A 47 2.58 7.97 -8.03
CA ALA A 47 3.69 8.87 -7.71
C ALA A 47 3.20 10.28 -7.46
N GLY A 48 4.13 11.19 -7.22
CA GLY A 48 3.77 12.57 -6.96
C GLY A 48 4.98 13.46 -6.70
N GLY A 49 4.73 14.74 -6.45
CA GLY A 49 5.83 15.67 -6.21
C GLY A 49 6.91 15.06 -5.33
N SER A 50 6.51 14.27 -4.36
CA SER A 50 7.45 13.63 -3.45
C SER A 50 8.01 12.34 -4.05
N HIS A 51 7.16 11.31 -4.10
CA HIS A 51 7.57 10.02 -4.65
C HIS A 51 7.80 10.13 -6.16
N SER A 52 8.88 9.53 -6.63
CA SER A 52 9.22 9.55 -8.04
C SER A 52 8.90 8.22 -8.71
N ASN A 53 8.31 8.28 -9.90
CA ASN A 53 7.94 7.07 -10.63
C ASN A 53 9.14 6.14 -10.76
N GLN A 54 10.34 6.69 -10.60
CA GLN A 54 11.56 5.91 -10.70
C GLN A 54 11.93 5.29 -9.36
N HIS A 55 10.92 5.12 -8.50
CA HIS A 55 11.14 4.54 -7.18
C HIS A 55 10.59 3.12 -7.11
N GLN A 56 11.46 2.17 -6.76
CA GLN A 56 11.07 0.77 -6.65
C GLN A 56 10.34 0.51 -5.34
N MET A 57 9.79 -0.70 -5.21
CA MET A 57 9.06 -1.08 -4.01
C MET A 57 9.50 -2.45 -3.51
N LYS A 58 9.49 -2.64 -2.21
CA LYS A 58 9.89 -3.91 -1.61
C LYS A 58 8.71 -4.57 -0.89
N GLU A 59 8.71 -5.91 -0.87
CA GLU A 59 7.64 -6.65 -0.23
C GLU A 59 7.82 -6.65 1.29
N TYR A 60 6.72 -6.40 2.01
CA TYR A 60 6.75 -6.38 3.47
C TYR A 60 5.37 -6.69 4.04
N THR A 61 5.33 -6.91 5.35
CA THR A 61 4.08 -7.22 6.04
C THR A 61 3.92 -6.38 7.29
N SER A 62 3.12 -5.32 7.19
CA SER A 62 2.88 -4.42 8.33
C SER A 62 1.45 -4.56 8.83
N TRP A 63 0.50 -4.56 7.91
CA TRP A 63 -0.91 -4.70 8.27
C TRP A 63 -1.11 -5.78 9.31
ZN ZN B . -3.28 -0.24 -3.16
ZN ZN C . 9.48 6.67 -3.35
N GLY A 1 -11.47 12.30 16.23
CA GLY A 1 -12.40 11.22 15.95
C GLY A 1 -12.15 10.00 16.81
N SER A 2 -13.18 9.55 17.50
CA SER A 2 -13.07 8.39 18.38
C SER A 2 -13.92 7.23 17.85
N SER A 3 -13.24 6.20 17.33
CA SER A 3 -13.93 5.03 16.79
C SER A 3 -13.27 3.74 17.28
N GLY A 4 -12.00 3.57 16.93
CA GLY A 4 -11.28 2.37 17.34
C GLY A 4 -10.36 1.85 16.25
N SER A 5 -10.91 1.03 15.36
CA SER A 5 -10.13 0.46 14.27
C SER A 5 -8.88 -0.25 14.81
N SER A 6 -9.06 -0.98 15.90
CA SER A 6 -7.96 -1.71 16.52
C SER A 6 -8.36 -3.15 16.83
N GLY A 7 -7.40 -4.06 16.74
CA GLY A 7 -7.67 -5.46 17.02
C GLY A 7 -6.41 -6.30 17.03
N VAL A 8 -6.58 -7.61 16.93
CA VAL A 8 -5.46 -8.54 16.92
C VAL A 8 -4.57 -8.33 15.70
N PHE A 9 -5.20 -8.29 14.52
CA PHE A 9 -4.47 -8.09 13.28
C PHE A 9 -5.31 -7.29 12.28
N HIS A 10 -4.68 -6.32 11.63
CA HIS A 10 -5.36 -5.48 10.65
C HIS A 10 -5.44 -6.18 9.29
N PRO A 11 -6.58 -6.03 8.62
CA PRO A 11 -6.80 -6.65 7.30
C PRO A 11 -5.96 -6.00 6.21
N VAL A 12 -5.68 -6.75 5.16
CA VAL A 12 -4.89 -6.25 4.04
C VAL A 12 -5.45 -4.95 3.50
N GLU A 13 -4.95 -3.83 4.02
CA GLU A 13 -5.42 -2.51 3.58
C GLU A 13 -4.26 -1.67 3.07
N CYS A 14 -4.50 -0.96 1.98
CA CYS A 14 -3.47 -0.10 1.38
C CYS A 14 -3.37 1.23 2.12
N SER A 15 -2.49 2.10 1.65
CA SER A 15 -2.29 3.41 2.26
C SER A 15 -2.85 4.51 1.38
N TYR A 16 -2.65 4.38 0.07
CA TYR A 16 -3.14 5.38 -0.88
C TYR A 16 -4.54 5.02 -1.36
N CYS A 17 -4.64 3.90 -2.09
CA CYS A 17 -5.92 3.45 -2.62
C CYS A 17 -6.81 2.90 -1.51
N HIS A 18 -6.19 2.60 -0.37
CA HIS A 18 -6.92 2.06 0.77
C HIS A 18 -7.89 0.97 0.34
N SER A 19 -7.38 -0.01 -0.40
CA SER A 19 -8.20 -1.11 -0.89
C SER A 19 -8.70 -1.97 0.27
N GLU A 20 -9.58 -2.91 -0.03
CA GLU A 20 -10.13 -3.80 0.98
C GLU A 20 -9.89 -5.27 0.62
N SER A 21 -10.20 -5.62 -0.63
CA SER A 21 -10.02 -6.98 -1.10
C SER A 21 -8.65 -7.52 -0.70
N MET A 22 -8.65 -8.69 -0.08
CA MET A 22 -7.40 -9.31 0.36
C MET A 22 -6.28 -9.07 -0.65
N MET A 23 -6.58 -9.32 -1.92
CA MET A 23 -5.60 -9.12 -2.99
C MET A 23 -4.80 -7.84 -2.77
N GLY A 24 -3.50 -7.92 -2.99
CA GLY A 24 -2.65 -6.76 -2.81
C GLY A 24 -1.81 -6.85 -1.55
N PHE A 25 -0.53 -7.13 -1.72
CA PHE A 25 0.39 -7.24 -0.58
C PHE A 25 0.91 -5.87 -0.17
N ARG A 26 1.75 -5.84 0.86
CA ARG A 26 2.32 -4.60 1.36
C ARG A 26 3.65 -4.30 0.67
N TYR A 27 3.63 -3.30 -0.21
CA TYR A 27 4.84 -2.92 -0.93
C TYR A 27 5.29 -1.51 -0.54
N ARG A 28 6.33 -1.44 0.30
CA ARG A 28 6.85 -0.16 0.75
C ARG A 28 8.01 0.29 -0.12
N CYS A 29 7.92 1.51 -0.65
CA CYS A 29 8.97 2.06 -1.50
C CYS A 29 10.35 1.84 -0.88
N GLN A 30 11.38 1.92 -1.71
CA GLN A 30 12.75 1.72 -1.25
C GLN A 30 13.19 2.89 -0.37
N GLN A 31 13.45 4.03 -1.00
CA GLN A 31 13.88 5.22 -0.27
C GLN A 31 12.77 6.26 -0.22
N CYS A 32 12.14 6.38 0.94
CA CYS A 32 11.06 7.35 1.12
C CYS A 32 10.59 7.37 2.56
N HIS A 33 9.98 8.48 2.97
CA HIS A 33 9.48 8.63 4.34
C HIS A 33 8.32 7.67 4.59
N ASN A 34 7.17 7.97 4.00
CA ASN A 34 5.98 7.13 4.17
C ASN A 34 5.29 6.91 2.83
N TYR A 35 5.73 5.89 2.10
CA TYR A 35 5.17 5.55 0.81
C TYR A 35 4.90 4.06 0.70
N GLN A 36 3.62 3.68 0.84
CA GLN A 36 3.23 2.28 0.76
C GLN A 36 2.18 2.08 -0.31
N LEU A 37 2.26 0.96 -1.02
CA LEU A 37 1.31 0.65 -2.09
C LEU A 37 1.09 -0.86 -2.20
N CYS A 38 0.00 -1.25 -2.85
CA CYS A 38 -0.32 -2.66 -3.03
C CYS A 38 -0.02 -3.11 -4.45
N GLN A 39 -0.08 -4.42 -4.68
CA GLN A 39 0.18 -4.98 -6.00
C GLN A 39 -0.47 -4.14 -7.08
N ASP A 40 -1.75 -3.83 -6.90
CA ASP A 40 -2.50 -3.03 -7.87
C ASP A 40 -1.84 -1.66 -8.06
N CYS A 41 -1.80 -0.88 -6.98
CA CYS A 41 -1.21 0.46 -7.03
C CYS A 41 0.07 0.45 -7.86
N PHE A 42 0.93 -0.54 -7.62
CA PHE A 42 2.18 -0.65 -8.35
C PHE A 42 1.93 -0.88 -9.83
N TRP A 43 1.14 -1.90 -10.14
CA TRP A 43 0.81 -2.23 -11.53
C TRP A 43 0.42 -0.98 -12.31
N ARG A 44 -0.56 -0.25 -11.78
CA ARG A 44 -1.03 0.97 -12.43
C ARG A 44 0.06 2.03 -12.44
N GLY A 45 0.84 2.10 -11.37
CA GLY A 45 1.91 3.07 -11.29
C GLY A 45 1.48 4.35 -10.57
N HIS A 46 2.03 4.56 -9.39
CA HIS A 46 1.70 5.75 -8.59
C HIS A 46 2.96 6.53 -8.25
N ALA A 47 2.82 7.84 -8.13
CA ALA A 47 3.94 8.70 -7.79
C ALA A 47 3.49 10.15 -7.60
N GLY A 48 4.45 11.04 -7.36
CA GLY A 48 4.13 12.44 -7.15
C GLY A 48 5.36 13.28 -6.89
N GLY A 49 5.16 14.59 -6.70
CA GLY A 49 6.27 15.48 -6.45
C GLY A 49 7.29 14.89 -5.50
N SER A 50 6.81 14.10 -4.54
CA SER A 50 7.69 13.48 -3.56
C SER A 50 8.25 12.16 -4.09
N HIS A 51 7.40 11.14 -4.19
CA HIS A 51 7.80 9.84 -4.68
C HIS A 51 8.09 9.89 -6.18
N SER A 52 9.14 9.21 -6.61
CA SER A 52 9.51 9.17 -8.01
C SER A 52 9.20 7.82 -8.63
N ASN A 53 8.69 7.84 -9.86
CA ASN A 53 8.34 6.61 -10.56
C ASN A 53 9.55 5.68 -10.64
N GLN A 54 10.74 6.24 -10.50
CA GLN A 54 11.97 5.45 -10.56
C GLN A 54 12.30 4.87 -9.19
N HIS A 55 11.29 4.71 -8.36
CA HIS A 55 11.48 4.16 -7.02
C HIS A 55 10.91 2.74 -6.92
N GLN A 56 11.78 1.79 -6.59
CA GLN A 56 11.37 0.40 -6.48
C GLN A 56 10.69 0.14 -5.13
N MET A 57 9.65 -0.69 -5.15
CA MET A 57 8.92 -1.01 -3.94
C MET A 57 9.28 -2.39 -3.44
N LYS A 58 9.51 -2.52 -2.13
CA LYS A 58 9.87 -3.78 -1.51
C LYS A 58 8.67 -4.42 -0.83
N GLU A 59 8.57 -5.75 -0.91
CA GLU A 59 7.47 -6.48 -0.30
C GLU A 59 7.81 -6.86 1.13
N TYR A 60 6.97 -6.44 2.08
CA TYR A 60 7.19 -6.75 3.48
C TYR A 60 6.08 -7.64 4.02
N THR A 61 6.36 -8.31 5.13
CA THR A 61 5.38 -9.20 5.75
C THR A 61 3.98 -8.59 5.71
N SER A 62 3.80 -7.48 6.40
CA SER A 62 2.51 -6.81 6.44
C SER A 62 2.60 -5.49 7.20
N TRP A 63 1.68 -4.57 6.90
CA TRP A 63 1.67 -3.27 7.56
C TRP A 63 1.75 -3.42 9.07
ZN ZN B . -3.21 0.16 -3.28
ZN ZN C . 9.76 6.53 -3.30
N GLY A 1 -18.84 0.55 -6.65
CA GLY A 1 -19.89 0.84 -5.70
C GLY A 1 -19.35 1.11 -4.30
N SER A 2 -20.22 0.98 -3.31
CA SER A 2 -19.83 1.22 -1.93
C SER A 2 -20.46 0.19 -0.99
N SER A 3 -20.00 0.16 0.25
CA SER A 3 -20.52 -0.78 1.24
C SER A 3 -19.98 -0.46 2.63
N GLY A 4 -20.89 -0.16 3.55
CA GLY A 4 -20.49 0.16 4.91
C GLY A 4 -19.57 -0.88 5.51
N SER A 5 -18.84 -0.50 6.55
CA SER A 5 -17.91 -1.41 7.21
C SER A 5 -18.13 -1.41 8.72
N SER A 6 -18.32 -2.60 9.28
CA SER A 6 -18.56 -2.74 10.71
C SER A 6 -18.55 -4.20 11.12
N GLY A 7 -17.80 -4.52 12.18
CA GLY A 7 -17.73 -5.89 12.66
C GLY A 7 -16.41 -6.18 13.36
N VAL A 8 -15.76 -7.27 12.96
CA VAL A 8 -14.49 -7.66 13.56
C VAL A 8 -13.38 -7.66 12.52
N PHE A 9 -12.82 -6.48 12.26
CA PHE A 9 -11.74 -6.34 11.29
C PHE A 9 -10.68 -5.36 11.79
N HIS A 10 -9.47 -5.49 11.27
CA HIS A 10 -8.37 -4.61 11.66
C HIS A 10 -8.15 -3.53 10.62
N PRO A 11 -7.59 -2.39 11.06
CA PRO A 11 -7.31 -1.25 10.17
C PRO A 11 -6.17 -1.54 9.20
N VAL A 12 -6.52 -2.14 8.06
CA VAL A 12 -5.53 -2.46 7.04
C VAL A 12 -6.01 -2.04 5.66
N GLU A 13 -5.70 -0.80 5.28
CA GLU A 13 -6.10 -0.29 3.98
C GLU A 13 -4.92 0.38 3.27
N CYS A 14 -4.85 0.19 1.96
CA CYS A 14 -3.76 0.77 1.16
C CYS A 14 -3.65 2.27 1.41
N SER A 15 -2.63 2.89 0.82
CA SER A 15 -2.41 4.32 0.97
C SER A 15 -3.28 5.11 0.00
N TYR A 16 -3.48 4.56 -1.20
CA TYR A 16 -4.28 5.21 -2.22
C TYR A 16 -5.61 4.48 -2.42
N CYS A 17 -5.52 3.24 -2.91
CA CYS A 17 -6.71 2.43 -3.16
C CYS A 17 -7.38 2.05 -1.83
N HIS A 18 -6.78 2.46 -0.73
CA HIS A 18 -7.31 2.15 0.60
C HIS A 18 -7.97 0.77 0.61
N SER A 19 -7.21 -0.24 0.19
CA SER A 19 -7.71 -1.61 0.15
C SER A 19 -8.34 -1.99 1.48
N GLU A 20 -8.79 -3.24 1.59
CA GLU A 20 -9.40 -3.73 2.81
C GLU A 20 -8.74 -5.02 3.29
N SER A 21 -8.19 -5.77 2.34
CA SER A 21 -7.51 -7.04 2.66
C SER A 21 -6.82 -6.94 4.01
N MET A 22 -6.94 -8.01 4.79
CA MET A 22 -6.32 -8.06 6.12
C MET A 22 -4.83 -7.76 6.03
N MET A 23 -4.20 -7.55 7.19
CA MET A 23 -2.78 -7.25 7.24
C MET A 23 -2.02 -8.03 6.16
N GLY A 24 -0.90 -7.47 5.72
CA GLY A 24 -0.10 -8.12 4.70
C GLY A 24 -0.31 -7.50 3.32
N PHE A 25 0.63 -7.76 2.42
CA PHE A 25 0.56 -7.23 1.07
C PHE A 25 0.88 -5.74 1.05
N ARG A 26 2.04 -5.38 1.60
CA ARG A 26 2.45 -3.99 1.65
C ARG A 26 3.75 -3.78 0.85
N TYR A 27 3.73 -2.80 -0.05
CA TYR A 27 4.88 -2.49 -0.87
C TYR A 27 5.47 -1.13 -0.51
N ARG A 28 6.51 -1.14 0.31
CA ARG A 28 7.17 0.08 0.74
C ARG A 28 8.21 0.52 -0.28
N CYS A 29 8.05 1.74 -0.79
CA CYS A 29 8.98 2.28 -1.78
C CYS A 29 10.42 2.13 -1.31
N GLN A 30 11.36 2.25 -2.25
CA GLN A 30 12.78 2.12 -1.93
C GLN A 30 13.26 3.33 -1.14
N GLN A 31 13.43 4.45 -1.84
CA GLN A 31 13.89 5.69 -1.21
C GLN A 31 12.76 6.71 -1.11
N CYS A 32 12.22 6.88 0.09
CA CYS A 32 11.14 7.82 0.32
C CYS A 32 10.81 7.93 1.80
N HIS A 33 9.97 8.89 2.15
CA HIS A 33 9.58 9.10 3.55
C HIS A 33 8.51 8.10 3.95
N ASN A 34 7.28 8.32 3.49
CA ASN A 34 6.17 7.43 3.82
C ASN A 34 5.34 7.12 2.57
N TYR A 35 5.77 6.11 1.83
CA TYR A 35 5.07 5.71 0.61
C TYR A 35 4.88 4.19 0.57
N GLN A 36 3.67 3.75 0.87
CA GLN A 36 3.36 2.32 0.87
C GLN A 36 2.12 2.03 0.01
N LEU A 37 2.28 1.16 -0.96
CA LEU A 37 1.18 0.79 -1.85
C LEU A 37 1.05 -0.72 -1.97
N CYS A 38 0.05 -1.16 -2.72
CA CYS A 38 -0.18 -2.59 -2.92
C CYS A 38 0.16 -3.01 -4.35
N GLN A 39 0.59 -4.26 -4.50
CA GLN A 39 0.96 -4.78 -5.81
C GLN A 39 0.12 -4.14 -6.91
N ASP A 40 -1.19 -4.21 -6.75
CA ASP A 40 -2.10 -3.63 -7.73
C ASP A 40 -1.75 -2.18 -8.02
N CYS A 41 -1.73 -1.35 -6.98
CA CYS A 41 -1.41 0.06 -7.12
C CYS A 41 -0.12 0.24 -7.91
N PHE A 42 0.93 -0.46 -7.49
CA PHE A 42 2.22 -0.38 -8.16
C PHE A 42 2.09 -0.64 -9.66
N TRP A 43 1.51 -1.79 -10.00
CA TRP A 43 1.32 -2.15 -11.39
C TRP A 43 0.63 -1.04 -12.17
N ARG A 44 -0.41 -0.47 -11.56
CA ARG A 44 -1.16 0.60 -12.20
C ARG A 44 -0.27 1.82 -12.45
N GLY A 45 0.61 2.11 -11.50
CA GLY A 45 1.52 3.23 -11.62
C GLY A 45 1.08 4.43 -10.80
N HIS A 46 1.66 4.56 -9.61
CA HIS A 46 1.33 5.67 -8.72
C HIS A 46 2.56 6.49 -8.38
N ALA A 47 2.39 7.81 -8.30
CA ALA A 47 3.50 8.70 -7.99
C ALA A 47 3.01 10.14 -7.81
N GLY A 48 3.95 11.06 -7.62
CA GLY A 48 3.59 12.45 -7.43
C GLY A 48 4.81 13.34 -7.23
N GLY A 49 4.57 14.64 -7.08
CA GLY A 49 5.66 15.57 -6.88
C GLY A 49 6.78 14.98 -6.04
N SER A 50 6.42 14.09 -5.12
CA SER A 50 7.41 13.45 -4.26
C SER A 50 7.88 12.12 -4.84
N HIS A 51 7.02 11.11 -4.74
CA HIS A 51 7.34 9.79 -5.26
C HIS A 51 7.43 9.81 -6.78
N SER A 52 8.36 9.02 -7.33
CA SER A 52 8.55 8.96 -8.78
C SER A 52 8.13 7.59 -9.31
N ASN A 53 7.74 7.55 -10.58
CA ASN A 53 7.31 6.31 -11.22
C ASN A 53 8.49 5.34 -11.36
N GLN A 54 9.70 5.87 -11.21
CA GLN A 54 10.90 5.06 -11.32
C GLN A 54 11.38 4.60 -9.95
N HIS A 55 10.46 4.56 -9.00
CA HIS A 55 10.79 4.14 -7.64
C HIS A 55 10.29 2.73 -7.37
N GLN A 56 11.21 1.83 -7.02
CA GLN A 56 10.87 0.45 -6.74
C GLN A 56 10.19 0.32 -5.38
N MET A 57 9.48 -0.78 -5.18
CA MET A 57 8.79 -1.02 -3.92
C MET A 57 9.08 -2.43 -3.39
N LYS A 58 9.23 -2.55 -2.09
CA LYS A 58 9.51 -3.85 -1.46
C LYS A 58 8.25 -4.42 -0.83
N GLU A 59 7.87 -5.63 -1.26
CA GLU A 59 6.68 -6.29 -0.74
C GLU A 59 7.03 -7.14 0.48
N TYR A 60 6.35 -6.89 1.59
CA TYR A 60 6.58 -7.62 2.83
C TYR A 60 5.66 -8.84 2.92
N THR A 61 6.22 -10.02 2.69
CA THR A 61 5.46 -11.26 2.76
C THR A 61 4.10 -11.10 2.07
N SER A 62 4.04 -10.21 1.09
CA SER A 62 2.80 -9.96 0.35
C SER A 62 2.23 -11.26 -0.21
N TRP A 63 1.16 -11.14 -0.98
CA TRP A 63 0.52 -12.30 -1.58
C TRP A 63 1.41 -12.94 -2.63
ZN ZN B . -3.38 -0.12 -3.41
ZN ZN C . 9.44 6.66 -3.89
N GLY A 1 -11.01 9.73 8.19
CA GLY A 1 -10.46 8.65 8.99
C GLY A 1 -9.56 9.16 10.09
N SER A 2 -9.69 8.57 11.28
CA SER A 2 -8.88 8.98 12.42
C SER A 2 -8.42 7.75 13.22
N SER A 3 -7.28 7.90 13.90
CA SER A 3 -6.73 6.80 14.69
C SER A 3 -7.53 6.60 15.98
N GLY A 4 -8.23 5.47 16.06
CA GLY A 4 -9.03 5.18 17.24
C GLY A 4 -9.38 3.70 17.35
N SER A 5 -8.36 2.89 17.61
CA SER A 5 -8.57 1.44 17.75
C SER A 5 -7.51 0.82 18.64
N SER A 6 -7.93 0.37 19.83
CA SER A 6 -7.01 -0.24 20.78
C SER A 6 -6.07 -1.22 20.08
N GLY A 7 -4.85 -1.32 20.57
CA GLY A 7 -3.87 -2.22 20.00
C GLY A 7 -3.33 -1.72 18.67
N VAL A 8 -2.60 -2.57 17.97
CA VAL A 8 -2.01 -2.20 16.68
C VAL A 8 -2.49 -3.13 15.58
N PHE A 9 -3.76 -3.50 15.62
CA PHE A 9 -4.34 -4.40 14.62
C PHE A 9 -5.27 -3.63 13.68
N HIS A 10 -5.04 -3.77 12.38
CA HIS A 10 -5.85 -3.10 11.38
C HIS A 10 -6.06 -3.98 10.16
N PRO A 11 -7.18 -3.79 9.46
CA PRO A 11 -7.52 -4.56 8.26
C PRO A 11 -6.63 -4.22 7.08
N VAL A 12 -6.88 -4.86 5.95
CA VAL A 12 -6.09 -4.63 4.75
C VAL A 12 -6.58 -3.38 4.00
N GLU A 13 -6.02 -2.23 4.36
CA GLU A 13 -6.40 -0.97 3.73
C GLU A 13 -5.16 -0.23 3.22
N CYS A 14 -5.12 0.02 1.92
CA CYS A 14 -4.01 0.71 1.30
C CYS A 14 -3.93 2.15 1.81
N SER A 15 -2.92 2.89 1.33
CA SER A 15 -2.73 4.28 1.73
C SER A 15 -3.36 5.23 0.72
N TYR A 16 -3.19 4.91 -0.56
CA TYR A 16 -3.74 5.73 -1.63
C TYR A 16 -5.11 5.22 -2.07
N CYS A 17 -5.11 4.07 -2.72
CA CYS A 17 -6.35 3.46 -3.20
C CYS A 17 -7.23 3.04 -2.03
N HIS A 18 -6.63 2.96 -0.85
CA HIS A 18 -7.37 2.56 0.35
C HIS A 18 -8.30 1.40 0.07
N SER A 19 -7.75 0.36 -0.57
CA SER A 19 -8.54 -0.83 -0.91
C SER A 19 -9.14 -1.46 0.35
N GLU A 20 -9.88 -2.55 0.15
CA GLU A 20 -10.50 -3.25 1.26
C GLU A 20 -10.14 -4.74 1.24
N SER A 21 -10.06 -5.30 0.03
CA SER A 21 -9.73 -6.71 -0.13
C SER A 21 -8.50 -7.09 0.70
N MET A 22 -8.66 -8.06 1.59
CA MET A 22 -7.57 -8.51 2.44
C MET A 22 -7.02 -9.85 1.95
N MET A 23 -5.88 -9.82 1.29
CA MET A 23 -5.25 -11.03 0.78
C MET A 23 -3.81 -11.14 1.25
N GLY A 24 -3.06 -10.04 1.10
CA GLY A 24 -1.67 -10.04 1.51
C GLY A 24 -0.78 -9.31 0.54
N PHE A 25 -1.05 -8.02 0.35
CA PHE A 25 -0.25 -7.20 -0.57
C PHE A 25 0.31 -5.98 0.14
N ARG A 26 1.61 -5.99 0.38
CA ARG A 26 2.28 -4.89 1.05
C ARG A 26 3.59 -4.54 0.37
N TYR A 27 3.61 -3.40 -0.32
CA TYR A 27 4.81 -2.96 -1.03
C TYR A 27 5.26 -1.58 -0.55
N ARG A 28 6.38 -1.54 0.15
CA ARG A 28 6.91 -0.28 0.67
C ARG A 28 8.08 0.21 -0.19
N CYS A 29 7.99 1.46 -0.63
CA CYS A 29 9.04 2.05 -1.45
C CYS A 29 10.41 1.85 -0.83
N GLN A 30 11.45 1.97 -1.64
CA GLN A 30 12.82 1.79 -1.17
C GLN A 30 13.22 2.93 -0.22
N GLN A 31 13.45 4.10 -0.80
CA GLN A 31 13.84 5.26 0.00
C GLN A 31 12.70 6.28 0.07
N CYS A 32 12.04 6.34 1.22
CA CYS A 32 10.94 7.27 1.43
C CYS A 32 10.45 7.22 2.87
N HIS A 33 9.85 8.33 3.33
CA HIS A 33 9.33 8.41 4.68
C HIS A 33 8.17 7.44 4.88
N ASN A 34 7.04 7.76 4.30
CA ASN A 34 5.84 6.92 4.41
C ASN A 34 5.19 6.70 3.06
N TYR A 35 5.67 5.72 2.31
CA TYR A 35 5.14 5.42 0.99
C TYR A 35 4.89 3.92 0.83
N GLN A 36 3.64 3.52 0.94
CA GLN A 36 3.27 2.11 0.81
C GLN A 36 2.15 1.94 -0.21
N LEU A 37 2.27 0.90 -1.03
CA LEU A 37 1.26 0.62 -2.06
C LEU A 37 0.99 -0.88 -2.16
N CYS A 38 -0.13 -1.23 -2.79
CA CYS A 38 -0.51 -2.62 -2.95
C CYS A 38 -0.17 -3.11 -4.36
N GLN A 39 -0.33 -4.42 -4.58
CA GLN A 39 -0.05 -5.01 -5.88
C GLN A 39 -0.63 -4.15 -7.01
N ASP A 40 -1.91 -3.83 -6.90
CA ASP A 40 -2.58 -3.01 -7.90
C ASP A 40 -1.90 -1.65 -8.04
N CYS A 41 -1.94 -0.86 -6.99
CA CYS A 41 -1.31 0.46 -6.99
C CYS A 41 -0.02 0.45 -7.81
N PHE A 42 0.88 -0.46 -7.46
CA PHE A 42 2.16 -0.58 -8.14
C PHE A 42 1.95 -0.84 -9.63
N TRP A 43 1.28 -1.95 -9.94
CA TRP A 43 1.01 -2.31 -11.33
C TRP A 43 0.63 -1.09 -12.15
N ARG A 44 -0.28 -0.28 -11.61
CA ARG A 44 -0.73 0.93 -12.31
C ARG A 44 0.36 2.00 -12.28
N GLY A 45 1.05 2.12 -11.16
CA GLY A 45 2.10 3.11 -11.03
C GLY A 45 1.63 4.38 -10.35
N HIS A 46 2.10 4.60 -9.14
CA HIS A 46 1.71 5.79 -8.38
C HIS A 46 2.95 6.59 -7.97
N ALA A 47 2.77 7.92 -7.86
CA ALA A 47 3.87 8.80 -7.48
C ALA A 47 3.38 10.22 -7.29
N GLY A 48 4.32 11.13 -7.04
CA GLY A 48 3.96 12.53 -6.84
C GLY A 48 5.16 13.41 -6.57
N GLY A 49 4.93 14.70 -6.38
CA GLY A 49 6.01 15.62 -6.10
C GLY A 49 7.04 15.04 -5.16
N SER A 50 6.60 14.16 -4.27
CA SER A 50 7.50 13.54 -3.30
C SER A 50 8.08 12.23 -3.86
N HIS A 51 7.24 11.21 -3.92
CA HIS A 51 7.67 9.90 -4.43
C HIS A 51 7.90 9.96 -5.94
N SER A 52 8.85 9.16 -6.41
CA SER A 52 9.18 9.14 -7.83
C SER A 52 8.75 7.81 -8.45
N ASN A 53 8.21 7.88 -9.67
CA ASN A 53 7.76 6.68 -10.37
C ASN A 53 8.90 5.67 -10.51
N GLN A 54 10.13 6.16 -10.47
CA GLN A 54 11.30 5.30 -10.60
C GLN A 54 11.53 4.52 -9.31
N HIS A 55 11.23 5.15 -8.18
CA HIS A 55 11.40 4.51 -6.87
C HIS A 55 10.81 3.10 -6.89
N GLN A 56 11.66 2.11 -6.61
CA GLN A 56 11.22 0.72 -6.58
C GLN A 56 10.56 0.38 -5.24
N MET A 57 9.61 -0.55 -5.27
CA MET A 57 8.91 -0.97 -4.05
C MET A 57 9.39 -2.34 -3.59
N LYS A 58 9.40 -2.55 -2.29
CA LYS A 58 9.83 -3.82 -1.71
C LYS A 58 8.69 -4.49 -0.96
N GLU A 59 8.71 -5.82 -0.94
CA GLU A 59 7.67 -6.59 -0.26
C GLU A 59 7.91 -6.58 1.26
N TYR A 60 6.90 -6.14 2.00
CA TYR A 60 6.99 -6.09 3.45
C TYR A 60 5.91 -6.95 4.10
N THR A 61 6.01 -7.12 5.42
CA THR A 61 5.05 -7.93 6.16
C THR A 61 3.75 -7.17 6.39
N SER A 62 3.86 -6.03 7.05
CA SER A 62 2.69 -5.20 7.35
C SER A 62 2.97 -3.73 7.02
N TRP A 63 1.94 -3.03 6.55
CA TRP A 63 2.07 -1.62 6.21
C TRP A 63 3.05 -0.92 7.14
ZN ZN B . -3.28 0.27 -3.30
ZN ZN C . 9.71 6.65 -3.04
N GLY A 1 -27.70 -21.47 13.60
CA GLY A 1 -26.70 -20.79 14.42
C GLY A 1 -25.29 -21.22 14.10
N SER A 2 -24.93 -21.16 12.83
CA SER A 2 -23.59 -21.56 12.38
C SER A 2 -22.66 -20.35 12.31
N SER A 3 -21.45 -20.51 12.84
CA SER A 3 -20.46 -19.43 12.84
C SER A 3 -19.21 -19.84 12.07
N GLY A 4 -18.88 -19.08 11.04
CA GLY A 4 -17.70 -19.38 10.25
C GLY A 4 -16.56 -19.95 11.08
N SER A 5 -16.34 -19.36 12.25
CA SER A 5 -15.28 -19.81 13.14
C SER A 5 -13.90 -19.55 12.52
N SER A 6 -13.75 -18.38 11.92
CA SER A 6 -12.48 -18.01 11.28
C SER A 6 -12.08 -16.59 11.66
N GLY A 7 -11.27 -16.48 12.71
CA GLY A 7 -10.81 -15.18 13.15
C GLY A 7 -9.34 -14.96 12.93
N VAL A 8 -8.92 -14.94 11.66
CA VAL A 8 -7.52 -14.75 11.32
C VAL A 8 -7.17 -13.27 11.26
N PHE A 9 -5.96 -12.93 11.71
CA PHE A 9 -5.51 -11.55 11.70
C PHE A 9 -4.73 -11.24 10.44
N HIS A 10 -5.45 -10.86 9.38
CA HIS A 10 -4.83 -10.53 8.10
C HIS A 10 -5.17 -9.11 7.69
N PRO A 11 -4.61 -8.13 8.42
CA PRO A 11 -4.84 -6.71 8.15
C PRO A 11 -4.16 -6.26 6.86
N VAL A 12 -4.95 -6.10 5.81
CA VAL A 12 -4.44 -5.66 4.52
C VAL A 12 -5.19 -4.45 4.00
N GLU A 13 -4.81 -3.28 4.49
CA GLU A 13 -5.46 -2.03 4.09
C GLU A 13 -4.43 -1.06 3.51
N CYS A 14 -4.42 -0.94 2.19
CA CYS A 14 -3.50 -0.04 1.50
C CYS A 14 -3.54 1.36 2.13
N SER A 15 -2.74 2.26 1.57
CA SER A 15 -2.67 3.63 2.08
C SER A 15 -3.19 4.62 1.03
N TYR A 16 -2.92 4.31 -0.23
CA TYR A 16 -3.35 5.17 -1.33
C TYR A 16 -4.75 4.80 -1.80
N CYS A 17 -5.00 3.50 -1.94
CA CYS A 17 -6.29 3.01 -2.38
C CYS A 17 -7.01 2.29 -1.24
N HIS A 18 -6.46 2.38 -0.05
CA HIS A 18 -7.05 1.74 1.13
C HIS A 18 -7.69 0.41 0.74
N SER A 19 -7.06 -0.30 -0.18
CA SER A 19 -7.58 -1.59 -0.64
C SER A 19 -8.15 -2.40 0.52
N GLU A 20 -9.18 -3.19 0.24
CA GLU A 20 -9.82 -4.00 1.26
C GLU A 20 -9.69 -5.49 0.93
N SER A 21 -9.84 -5.82 -0.34
CA SER A 21 -9.76 -7.20 -0.80
C SER A 21 -8.39 -7.80 -0.45
N MET A 22 -8.34 -9.13 -0.39
CA MET A 22 -7.10 -9.83 -0.08
C MET A 22 -6.01 -9.47 -1.09
N MET A 23 -6.30 -9.68 -2.36
CA MET A 23 -5.34 -9.38 -3.41
C MET A 23 -4.55 -8.11 -3.10
N GLY A 24 -3.33 -8.04 -3.62
CA GLY A 24 -2.49 -6.87 -3.38
C GLY A 24 -1.73 -6.97 -2.08
N PHE A 25 -0.46 -7.34 -2.17
CA PHE A 25 0.39 -7.48 -0.98
C PHE A 25 0.90 -6.12 -0.52
N ARG A 26 1.63 -6.11 0.59
CA ARG A 26 2.19 -4.88 1.13
C ARG A 26 3.54 -4.56 0.51
N TYR A 27 3.59 -3.46 -0.24
CA TYR A 27 4.83 -3.05 -0.91
C TYR A 27 5.26 -1.67 -0.43
N ARG A 28 6.43 -1.60 0.19
CA ARG A 28 6.96 -0.34 0.70
C ARG A 28 8.08 0.18 -0.20
N CYS A 29 8.04 1.48 -0.49
CA CYS A 29 9.06 2.09 -1.33
C CYS A 29 10.44 1.97 -0.71
N GLN A 30 11.47 2.11 -1.55
CA GLN A 30 12.85 2.01 -1.08
C GLN A 30 13.19 3.17 -0.15
N GLN A 31 13.41 4.34 -0.73
CA GLN A 31 13.74 5.54 0.04
C GLN A 31 12.58 6.52 0.06
N CYS A 32 11.89 6.60 1.19
CA CYS A 32 10.76 7.49 1.34
C CYS A 32 10.22 7.46 2.76
N HIS A 33 9.65 8.59 3.21
CA HIS A 33 9.10 8.69 4.55
C HIS A 33 8.01 7.66 4.77
N ASN A 34 6.84 7.91 4.19
CA ASN A 34 5.70 7.01 4.32
C ASN A 34 5.06 6.74 2.96
N TYR A 35 5.57 5.74 2.25
CA TYR A 35 5.05 5.38 0.94
C TYR A 35 4.84 3.87 0.83
N GLN A 36 3.59 3.44 0.94
CA GLN A 36 3.26 2.02 0.85
C GLN A 36 2.15 1.79 -0.16
N LEU A 37 2.40 0.92 -1.13
CA LEU A 37 1.41 0.60 -2.16
C LEU A 37 1.20 -0.90 -2.27
N CYS A 38 0.15 -1.29 -2.98
CA CYS A 38 -0.16 -2.71 -3.16
C CYS A 38 0.00 -3.12 -4.62
N GLN A 39 0.00 -4.43 -4.87
CA GLN A 39 0.14 -4.94 -6.22
C GLN A 39 -0.61 -4.07 -7.22
N ASP A 40 -1.90 -3.87 -6.97
CA ASP A 40 -2.73 -3.06 -7.86
C ASP A 40 -2.09 -1.69 -8.10
N CYS A 41 -1.91 -0.94 -7.01
CA CYS A 41 -1.31 0.39 -7.10
C CYS A 41 -0.06 0.38 -7.98
N PHE A 42 0.95 -0.36 -7.54
CA PHE A 42 2.20 -0.46 -8.29
C PHE A 42 1.93 -0.74 -9.76
N TRP A 43 1.21 -1.82 -10.03
CA TRP A 43 0.88 -2.21 -11.40
C TRP A 43 0.40 -1.00 -12.20
N ARG A 44 -0.46 -0.20 -11.60
CA ARG A 44 -1.00 0.99 -12.26
C ARG A 44 0.07 2.08 -12.36
N GLY A 45 0.88 2.21 -11.30
CA GLY A 45 1.92 3.21 -11.28
C GLY A 45 1.48 4.49 -10.62
N HIS A 46 1.88 4.68 -9.36
CA HIS A 46 1.51 5.87 -8.61
C HIS A 46 2.76 6.62 -8.14
N ALA A 47 2.70 7.95 -8.21
CA ALA A 47 3.83 8.78 -7.80
C ALA A 47 3.44 10.25 -7.79
N GLY A 48 4.41 11.12 -7.49
CA GLY A 48 4.15 12.54 -7.45
C GLY A 48 5.39 13.34 -7.10
N GLY A 49 5.25 14.66 -7.07
CA GLY A 49 6.36 15.53 -6.74
C GLY A 49 7.24 14.95 -5.65
N SER A 50 6.64 14.15 -4.77
CA SER A 50 7.37 13.55 -3.66
C SER A 50 7.96 12.19 -4.09
N HIS A 51 7.08 11.22 -4.27
CA HIS A 51 7.52 9.87 -4.68
C HIS A 51 7.76 9.81 -6.18
N SER A 52 8.80 9.08 -6.58
CA SER A 52 9.14 8.95 -7.99
C SER A 52 8.73 7.57 -8.51
N ASN A 53 8.00 7.56 -9.62
CA ASN A 53 7.55 6.31 -10.22
C ASN A 53 8.69 5.30 -10.32
N GLN A 54 9.91 5.82 -10.49
CA GLN A 54 11.08 4.97 -10.60
C GLN A 54 11.34 4.23 -9.28
N HIS A 55 11.05 4.89 -8.18
CA HIS A 55 11.24 4.29 -6.86
C HIS A 55 10.68 2.88 -6.81
N GLN A 56 11.55 1.89 -6.60
CA GLN A 56 11.14 0.50 -6.53
C GLN A 56 10.64 0.14 -5.13
N MET A 57 9.53 -0.57 -5.07
CA MET A 57 8.96 -0.99 -3.80
C MET A 57 9.24 -2.46 -3.52
N LYS A 58 9.61 -2.77 -2.27
CA LYS A 58 9.89 -4.14 -1.88
C LYS A 58 8.78 -4.70 -1.00
N GLU A 59 8.70 -6.03 -0.94
CA GLU A 59 7.68 -6.69 -0.13
C GLU A 59 7.96 -6.50 1.35
N TYR A 60 6.97 -5.99 2.08
CA TYR A 60 7.11 -5.76 3.51
C TYR A 60 5.85 -6.17 4.26
N THR A 61 5.86 -6.00 5.57
CA THR A 61 4.72 -6.36 6.41
C THR A 61 4.39 -5.26 7.40
N SER A 62 5.43 -4.66 7.99
CA SER A 62 5.26 -3.59 8.96
C SER A 62 4.42 -2.46 8.37
N TRP A 63 3.13 -2.46 8.68
CA TRP A 63 2.22 -1.43 8.17
C TRP A 63 1.56 -0.69 9.32
ZN ZN B . -3.27 0.05 -3.21
ZN ZN C . 9.53 6.63 -3.13
N GLY A 1 -21.69 -1.80 14.92
CA GLY A 1 -20.96 -1.35 16.09
C GLY A 1 -19.48 -1.13 15.82
N SER A 2 -18.83 -0.40 16.70
CA SER A 2 -17.41 -0.10 16.55
C SER A 2 -16.71 -0.04 17.90
N SER A 3 -15.59 -0.75 18.03
CA SER A 3 -14.84 -0.78 19.27
C SER A 3 -13.67 0.20 19.22
N GLY A 4 -13.30 0.73 20.38
CA GLY A 4 -12.19 1.67 20.45
C GLY A 4 -10.86 0.99 20.71
N SER A 5 -10.64 -0.16 20.06
CA SER A 5 -9.40 -0.90 20.23
C SER A 5 -8.32 -0.40 19.28
N SER A 6 -7.09 -0.42 19.75
CA SER A 6 -5.96 0.05 18.94
C SER A 6 -5.23 -1.12 18.29
N GLY A 7 -4.94 -0.98 17.00
CA GLY A 7 -4.24 -2.04 16.28
C GLY A 7 -5.18 -2.84 15.40
N VAL A 8 -5.95 -2.14 14.56
CA VAL A 8 -6.89 -2.79 13.66
C VAL A 8 -6.21 -3.17 12.35
N PHE A 9 -5.06 -3.84 12.45
CA PHE A 9 -4.31 -4.26 11.28
C PHE A 9 -4.78 -5.64 10.81
N HIS A 10 -6.00 -6.00 11.20
CA HIS A 10 -6.58 -7.29 10.82
C HIS A 10 -6.90 -7.32 9.32
N PRO A 11 -7.72 -6.34 8.88
CA PRO A 11 -8.12 -6.23 7.48
C PRO A 11 -6.98 -5.81 6.58
N VAL A 12 -7.29 -5.53 5.31
CA VAL A 12 -6.28 -5.12 4.34
C VAL A 12 -6.66 -3.80 3.68
N GLU A 13 -6.12 -2.70 4.21
CA GLU A 13 -6.42 -1.37 3.67
C GLU A 13 -5.14 -0.69 3.20
N CYS A 14 -5.08 -0.39 1.91
CA CYS A 14 -3.91 0.27 1.33
C CYS A 14 -3.69 1.64 1.95
N SER A 15 -2.67 2.34 1.48
CA SER A 15 -2.34 3.67 2.00
C SER A 15 -3.03 4.75 1.17
N TYR A 16 -3.21 4.48 -0.11
CA TYR A 16 -3.84 5.43 -1.02
C TYR A 16 -5.18 4.90 -1.51
N CYS A 17 -5.11 3.89 -2.39
CA CYS A 17 -6.32 3.29 -2.95
C CYS A 17 -7.20 2.70 -1.83
N HIS A 18 -6.64 2.59 -0.63
CA HIS A 18 -7.37 2.06 0.51
C HIS A 18 -8.27 0.90 0.08
N SER A 19 -7.69 -0.07 -0.61
CA SER A 19 -8.45 -1.23 -1.09
C SER A 19 -9.11 -1.96 0.08
N GLU A 20 -9.93 -2.95 -0.24
CA GLU A 20 -10.63 -3.73 0.78
C GLU A 20 -10.34 -5.22 0.61
N SER A 21 -10.34 -5.68 -0.64
CA SER A 21 -10.10 -7.08 -0.93
C SER A 21 -8.90 -7.61 -0.14
N MET A 22 -8.99 -8.86 0.29
CA MET A 22 -7.92 -9.48 1.06
C MET A 22 -6.64 -9.56 0.23
N MET A 23 -5.80 -8.53 0.34
CA MET A 23 -4.54 -8.49 -0.40
C MET A 23 -3.36 -8.28 0.55
N GLY A 24 -2.84 -9.38 1.10
CA GLY A 24 -1.72 -9.29 2.01
C GLY A 24 -0.41 -9.02 1.30
N PHE A 25 -0.37 -7.94 0.53
CA PHE A 25 0.83 -7.57 -0.21
C PHE A 25 1.22 -6.12 0.06
N ARG A 26 2.06 -5.92 1.07
CA ARG A 26 2.52 -4.59 1.45
C ARG A 26 3.80 -4.22 0.70
N TYR A 27 3.69 -3.25 -0.21
CA TYR A 27 4.84 -2.81 -0.99
C TYR A 27 5.29 -1.42 -0.55
N ARG A 28 6.39 -1.37 0.18
CA ARG A 28 6.94 -0.12 0.68
C ARG A 28 8.08 0.37 -0.21
N CYS A 29 7.93 1.58 -0.74
CA CYS A 29 8.95 2.16 -1.61
C CYS A 29 10.35 1.93 -1.04
N GLN A 30 11.37 2.09 -1.89
CA GLN A 30 12.75 1.90 -1.47
C GLN A 30 13.19 3.01 -0.53
N GLN A 31 13.42 4.19 -1.08
CA GLN A 31 13.84 5.34 -0.27
C GLN A 31 12.73 6.37 -0.16
N CYS A 32 12.09 6.41 1.01
CA CYS A 32 11.00 7.35 1.25
C CYS A 32 10.55 7.29 2.71
N HIS A 33 9.91 8.36 3.17
CA HIS A 33 9.43 8.43 4.53
C HIS A 33 8.28 7.45 4.76
N ASN A 34 7.12 7.75 4.19
CA ASN A 34 5.94 6.90 4.34
C ASN A 34 5.24 6.72 3.00
N TYR A 35 5.70 5.73 2.23
CA TYR A 35 5.12 5.44 0.92
C TYR A 35 4.86 3.94 0.76
N GLN A 36 3.59 3.55 0.91
CA GLN A 36 3.22 2.15 0.77
C GLN A 36 2.13 1.98 -0.30
N LEU A 37 2.17 0.86 -1.00
CA LEU A 37 1.19 0.57 -2.04
C LEU A 37 0.95 -0.93 -2.16
N CYS A 38 -0.12 -1.30 -2.86
CA CYS A 38 -0.46 -2.70 -3.06
C CYS A 38 -0.15 -3.15 -4.48
N GLN A 39 -0.37 -4.43 -4.76
CA GLN A 39 -0.10 -4.98 -6.09
C GLN A 39 -0.71 -4.09 -7.17
N ASP A 40 -1.99 -3.78 -7.02
CA ASP A 40 -2.69 -2.94 -8.00
C ASP A 40 -2.00 -1.59 -8.13
N CYS A 41 -1.94 -0.84 -7.04
CA CYS A 41 -1.31 0.47 -7.04
C CYS A 41 -0.01 0.46 -7.84
N PHE A 42 0.83 -0.54 -7.58
CA PHE A 42 2.10 -0.66 -8.28
C PHE A 42 1.88 -0.92 -9.77
N TRP A 43 1.17 -1.99 -10.08
CA TRP A 43 0.89 -2.35 -11.47
C TRP A 43 0.53 -1.10 -12.28
N ARG A 44 -0.26 -0.23 -11.69
CA ARG A 44 -0.68 1.00 -12.36
C ARG A 44 0.42 2.06 -12.28
N GLY A 45 1.08 2.12 -11.13
CA GLY A 45 2.14 3.10 -10.94
C GLY A 45 1.65 4.36 -10.26
N HIS A 46 2.18 4.62 -9.05
CA HIS A 46 1.78 5.80 -8.29
C HIS A 46 3.01 6.65 -7.95
N ALA A 47 2.80 7.96 -7.84
CA ALA A 47 3.88 8.88 -7.52
C ALA A 47 3.36 10.30 -7.32
N GLY A 48 4.26 11.24 -7.08
CA GLY A 48 3.87 12.62 -6.86
C GLY A 48 5.06 13.53 -6.61
N GLY A 49 4.79 14.82 -6.47
CA GLY A 49 5.85 15.78 -6.23
C GLY A 49 6.93 15.23 -5.32
N SER A 50 6.55 14.31 -4.44
CA SER A 50 7.49 13.71 -3.50
C SER A 50 8.06 12.42 -4.06
N HIS A 51 7.26 11.36 -4.04
CA HIS A 51 7.69 10.06 -4.56
C HIS A 51 7.90 10.12 -6.07
N SER A 52 8.76 9.24 -6.57
CA SER A 52 9.06 9.18 -7.99
C SER A 52 8.58 7.87 -8.60
N ASN A 53 8.18 7.92 -9.88
CA ASN A 53 7.70 6.74 -10.57
C ASN A 53 8.81 5.69 -10.70
N GLN A 54 10.05 6.15 -10.66
CA GLN A 54 11.20 5.25 -10.78
C GLN A 54 11.43 4.51 -9.47
N HIS A 55 11.12 5.16 -8.35
CA HIS A 55 11.29 4.56 -7.03
C HIS A 55 10.69 3.15 -7.00
N GLN A 56 11.50 2.18 -6.59
CA GLN A 56 11.06 0.80 -6.52
C GLN A 56 10.29 0.54 -5.22
N MET A 57 9.69 -0.64 -5.12
CA MET A 57 8.92 -1.01 -3.94
C MET A 57 9.31 -2.38 -3.44
N LYS A 58 9.52 -2.49 -2.12
CA LYS A 58 9.90 -3.76 -1.51
C LYS A 58 8.70 -4.45 -0.87
N GLU A 59 8.74 -5.78 -0.84
CA GLU A 59 7.65 -6.56 -0.26
C GLU A 59 7.90 -6.81 1.22
N TYR A 60 6.90 -6.54 2.05
CA TYR A 60 7.01 -6.75 3.49
C TYR A 60 5.95 -7.72 3.99
N THR A 61 6.31 -8.50 5.00
CA THR A 61 5.39 -9.48 5.58
C THR A 61 5.01 -9.10 7.00
N SER A 62 4.05 -8.19 7.13
CA SER A 62 3.59 -7.74 8.43
C SER A 62 2.06 -7.78 8.53
N TRP A 63 1.40 -7.10 7.61
CA TRP A 63 -0.06 -7.06 7.59
C TRP A 63 -0.62 -8.31 6.88
ZN ZN B . -3.31 0.08 -3.31
ZN ZN C . 9.65 6.75 -3.19
N GLY A 1 -11.90 10.13 -1.95
CA GLY A 1 -12.08 11.19 -0.97
C GLY A 1 -12.49 10.67 0.39
N SER A 2 -13.47 11.32 1.00
CA SER A 2 -13.95 10.93 2.32
C SER A 2 -14.02 9.40 2.43
N SER A 3 -13.76 8.89 3.62
CA SER A 3 -13.80 7.45 3.86
C SER A 3 -14.35 7.15 5.25
N GLY A 4 -14.63 5.87 5.50
CA GLY A 4 -15.16 5.46 6.78
C GLY A 4 -14.10 4.85 7.69
N SER A 5 -13.98 3.53 7.64
CA SER A 5 -13.00 2.82 8.46
C SER A 5 -13.31 3.00 9.94
N SER A 6 -14.58 2.91 10.30
CA SER A 6 -15.01 3.05 11.68
C SER A 6 -14.61 1.84 12.51
N GLY A 7 -14.06 2.09 13.69
CA GLY A 7 -13.64 1.00 14.56
C GLY A 7 -12.17 1.08 14.92
N VAL A 8 -11.56 -0.08 15.16
CA VAL A 8 -10.15 -0.14 15.52
C VAL A 8 -9.41 -1.14 14.63
N PHE A 9 -10.07 -2.25 14.31
CA PHE A 9 -9.47 -3.28 13.47
C PHE A 9 -8.91 -2.67 12.19
N HIS A 10 -7.66 -2.99 11.89
CA HIS A 10 -7.01 -2.48 10.68
C HIS A 10 -6.75 -3.60 9.68
N PRO A 11 -7.78 -3.97 8.92
CA PRO A 11 -7.69 -5.04 7.92
C PRO A 11 -6.83 -4.63 6.73
N VAL A 12 -6.70 -5.54 5.76
CA VAL A 12 -5.90 -5.29 4.58
C VAL A 12 -6.30 -3.97 3.92
N GLU A 13 -5.59 -2.90 4.26
CA GLU A 13 -5.87 -1.58 3.70
C GLU A 13 -4.61 -0.99 3.05
N CYS A 14 -4.83 -0.12 2.06
CA CYS A 14 -3.73 0.51 1.36
C CYS A 14 -3.54 1.95 1.80
N SER A 15 -2.57 2.63 1.22
CA SER A 15 -2.28 4.02 1.57
C SER A 15 -3.05 4.97 0.67
N TYR A 16 -3.14 4.63 -0.62
CA TYR A 16 -3.85 5.45 -1.58
C TYR A 16 -5.23 4.89 -1.88
N CYS A 17 -5.26 3.78 -2.63
CA CYS A 17 -6.52 3.13 -2.98
C CYS A 17 -7.29 2.72 -1.74
N HIS A 18 -6.61 2.72 -0.59
CA HIS A 18 -7.23 2.36 0.66
C HIS A 18 -8.21 1.19 0.47
N SER A 19 -7.74 0.13 -0.17
CA SER A 19 -8.57 -1.04 -0.42
C SER A 19 -8.98 -1.71 0.88
N GLU A 20 -9.81 -2.74 0.78
CA GLU A 20 -10.28 -3.46 1.95
C GLU A 20 -10.22 -4.97 1.72
N SER A 21 -10.66 -5.41 0.54
CA SER A 21 -10.66 -6.82 0.20
C SER A 21 -9.41 -7.50 0.76
N MET A 22 -9.61 -8.35 1.76
CA MET A 22 -8.50 -9.08 2.37
C MET A 22 -7.59 -9.70 1.31
N MET A 23 -6.42 -9.12 1.14
CA MET A 23 -5.46 -9.61 0.16
C MET A 23 -4.02 -9.40 0.64
N GLY A 24 -3.21 -10.44 0.53
CA GLY A 24 -1.82 -10.35 0.96
C GLY A 24 -0.97 -9.58 -0.04
N PHE A 25 -0.93 -8.27 0.11
CA PHE A 25 -0.14 -7.42 -0.78
C PHE A 25 0.35 -6.18 -0.05
N ARG A 26 1.64 -6.16 0.29
CA ARG A 26 2.24 -5.03 0.98
C ARG A 26 3.61 -4.69 0.41
N TYR A 27 3.69 -3.58 -0.31
CA TYR A 27 4.95 -3.15 -0.91
C TYR A 27 5.30 -1.73 -0.49
N ARG A 28 6.45 -1.57 0.14
CA ARG A 28 6.90 -0.26 0.61
C ARG A 28 7.99 0.28 -0.31
N CYS A 29 8.01 1.60 -0.48
CA CYS A 29 9.01 2.25 -1.34
C CYS A 29 10.41 2.09 -0.75
N GLN A 30 11.42 2.30 -1.59
CA GLN A 30 12.81 2.17 -1.16
C GLN A 30 13.16 3.26 -0.16
N GLN A 31 13.37 4.47 -0.68
CA GLN A 31 13.72 5.62 0.16
C GLN A 31 12.57 6.60 0.27
N CYS A 32 11.89 6.58 1.41
CA CYS A 32 10.75 7.47 1.63
C CYS A 32 10.24 7.35 3.06
N HIS A 33 9.70 8.45 3.59
CA HIS A 33 9.17 8.46 4.95
C HIS A 33 8.06 7.43 5.11
N ASN A 34 6.90 7.73 4.57
CA ASN A 34 5.75 6.82 4.65
C ASN A 34 5.08 6.66 3.29
N TYR A 35 5.59 5.71 2.51
CA TYR A 35 5.05 5.45 1.18
C TYR A 35 4.83 3.96 0.96
N GLN A 36 3.57 3.53 1.07
CA GLN A 36 3.23 2.12 0.88
C GLN A 36 2.18 1.96 -0.22
N LEU A 37 2.20 0.81 -0.88
CA LEU A 37 1.25 0.52 -1.95
C LEU A 37 1.00 -0.97 -2.08
N CYS A 38 -0.08 -1.34 -2.76
CA CYS A 38 -0.43 -2.74 -2.95
C CYS A 38 -0.08 -3.19 -4.36
N GLN A 39 -0.29 -4.47 -4.63
CA GLN A 39 0.01 -5.04 -5.95
C GLN A 39 -0.57 -4.16 -7.06
N ASP A 40 -1.85 -3.83 -6.93
CA ASP A 40 -2.52 -3.00 -7.93
C ASP A 40 -1.83 -1.65 -8.06
N CYS A 41 -1.87 -0.86 -6.99
CA CYS A 41 -1.25 0.46 -6.99
C CYS A 41 0.06 0.44 -7.76
N PHE A 42 0.93 -0.51 -7.41
CA PHE A 42 2.23 -0.63 -8.06
C PHE A 42 2.07 -0.89 -9.56
N TRP A 43 1.28 -1.91 -9.89
CA TRP A 43 1.04 -2.27 -11.28
C TRP A 43 0.68 -1.03 -12.11
N ARG A 44 -0.22 -0.21 -11.58
CA ARG A 44 -0.64 1.00 -12.27
C ARG A 44 0.45 2.07 -12.21
N GLY A 45 1.13 2.15 -11.07
CA GLY A 45 2.19 3.13 -10.91
C GLY A 45 1.69 4.43 -10.31
N HIS A 46 2.05 4.68 -9.05
CA HIS A 46 1.63 5.89 -8.36
C HIS A 46 2.85 6.70 -7.90
N ALA A 47 2.68 8.02 -7.81
CA ALA A 47 3.75 8.89 -7.38
C ALA A 47 3.26 10.33 -7.21
N GLY A 48 4.18 11.24 -6.92
CA GLY A 48 3.82 12.63 -6.75
C GLY A 48 5.02 13.50 -6.43
N GLY A 49 4.78 14.81 -6.27
CA GLY A 49 5.86 15.73 -5.97
C GLY A 49 6.84 15.17 -4.95
N SER A 50 6.34 14.32 -4.06
CA SER A 50 7.17 13.72 -3.04
C SER A 50 7.80 12.41 -3.53
N HIS A 51 6.97 11.38 -3.69
CA HIS A 51 7.43 10.09 -4.16
C HIS A 51 7.73 10.13 -5.65
N SER A 52 8.77 9.41 -6.06
CA SER A 52 9.17 9.36 -7.46
C SER A 52 8.77 8.04 -8.10
N ASN A 53 8.22 8.11 -9.30
CA ASN A 53 7.78 6.92 -10.02
C ASN A 53 8.92 5.92 -10.15
N GLN A 54 10.15 6.43 -10.20
CA GLN A 54 11.33 5.58 -10.32
C GLN A 54 11.53 4.74 -9.05
N HIS A 55 11.19 5.32 -7.91
CA HIS A 55 11.33 4.65 -6.63
C HIS A 55 10.73 3.24 -6.69
N GLN A 56 11.56 2.23 -6.46
CA GLN A 56 11.10 0.84 -6.50
C GLN A 56 10.39 0.48 -5.21
N MET A 57 9.54 -0.54 -5.27
CA MET A 57 8.79 -0.99 -4.10
C MET A 57 9.06 -2.47 -3.82
N LYS A 58 9.35 -2.78 -2.57
CA LYS A 58 9.62 -4.16 -2.17
C LYS A 58 8.57 -4.66 -1.18
N GLU A 59 8.41 -5.98 -1.11
CA GLU A 59 7.45 -6.58 -0.21
C GLU A 59 7.87 -6.41 1.24
N TYR A 60 6.92 -6.03 2.09
CA TYR A 60 7.20 -5.82 3.50
C TYR A 60 5.92 -5.96 4.34
N THR A 61 5.99 -6.79 5.37
CA THR A 61 4.84 -7.01 6.25
C THR A 61 4.65 -5.85 7.21
N SER A 62 4.05 -4.76 6.72
CA SER A 62 3.81 -3.59 7.54
C SER A 62 2.49 -3.70 8.28
N TRP A 63 1.39 -3.70 7.54
CA TRP A 63 0.06 -3.81 8.14
C TRP A 63 -0.40 -5.26 8.19
ZN ZN B . -3.39 0.13 -3.31
ZN ZN C . 9.53 6.87 -2.85
N GLY A 1 -14.53 6.01 3.33
CA GLY A 1 -14.20 5.19 4.47
C GLY A 1 -15.41 4.49 5.05
N SER A 2 -15.25 3.97 6.27
CA SER A 2 -16.35 3.26 6.94
C SER A 2 -16.01 3.02 8.41
N SER A 3 -16.99 2.54 9.16
CA SER A 3 -16.81 2.27 10.58
C SER A 3 -15.57 1.41 10.81
N GLY A 4 -15.04 1.47 12.03
CA GLY A 4 -13.85 0.69 12.36
C GLY A 4 -13.72 0.45 13.85
N SER A 5 -12.92 -0.56 14.21
CA SER A 5 -12.72 -0.90 15.61
C SER A 5 -11.55 -1.87 15.77
N SER A 6 -10.87 -1.79 16.90
CA SER A 6 -9.73 -2.65 17.17
C SER A 6 -10.18 -4.08 17.43
N GLY A 7 -9.22 -4.99 17.51
CA GLY A 7 -9.53 -6.38 17.76
C GLY A 7 -8.92 -7.32 16.73
N VAL A 8 -9.67 -7.61 15.68
CA VAL A 8 -9.19 -8.50 14.62
C VAL A 8 -7.77 -8.13 14.20
N PHE A 9 -7.00 -9.14 13.81
CA PHE A 9 -5.62 -8.91 13.38
C PHE A 9 -5.53 -7.76 12.38
N HIS A 10 -4.32 -7.30 12.14
CA HIS A 10 -4.09 -6.21 11.19
C HIS A 10 -4.72 -6.51 9.84
N PRO A 11 -5.75 -5.73 9.48
CA PRO A 11 -6.46 -5.91 8.20
C PRO A 11 -5.60 -5.50 7.01
N VAL A 12 -5.95 -6.02 5.84
CA VAL A 12 -5.22 -5.71 4.61
C VAL A 12 -5.80 -4.47 3.93
N GLU A 13 -5.37 -3.30 4.38
CA GLU A 13 -5.84 -2.04 3.81
C GLU A 13 -4.67 -1.21 3.30
N CYS A 14 -4.75 -0.81 2.03
CA CYS A 14 -3.71 -0.01 1.40
C CYS A 14 -3.62 1.37 2.05
N SER A 15 -2.68 2.18 1.58
CA SER A 15 -2.50 3.53 2.12
C SER A 15 -3.26 4.55 1.28
N TYR A 16 -3.40 4.27 -0.01
CA TYR A 16 -4.10 5.18 -0.92
C TYR A 16 -5.42 4.57 -1.37
N CYS A 17 -5.34 3.57 -2.25
CA CYS A 17 -6.53 2.90 -2.76
C CYS A 17 -7.33 2.26 -1.63
N HIS A 18 -6.69 2.15 -0.46
CA HIS A 18 -7.33 1.55 0.71
C HIS A 18 -8.18 0.34 0.30
N SER A 19 -7.58 -0.57 -0.45
CA SER A 19 -8.28 -1.76 -0.91
C SER A 19 -8.55 -2.72 0.25
N GLU A 20 -9.35 -3.73 0.00
CA GLU A 20 -9.69 -4.72 1.02
C GLU A 20 -9.45 -6.14 0.51
N SER A 21 -9.91 -6.41 -0.71
CA SER A 21 -9.76 -7.72 -1.31
C SER A 21 -8.39 -8.31 -0.98
N MET A 22 -8.35 -9.62 -0.78
CA MET A 22 -7.11 -10.32 -0.46
C MET A 22 -6.31 -10.61 -1.72
N MET A 23 -6.23 -9.63 -2.61
CA MET A 23 -5.50 -9.78 -3.86
C MET A 23 -4.37 -8.77 -3.95
N GLY A 24 -3.62 -8.61 -2.86
CA GLY A 24 -2.52 -7.66 -2.85
C GLY A 24 -1.62 -7.84 -1.63
N PHE A 25 -0.57 -7.03 -1.55
CA PHE A 25 0.36 -7.09 -0.44
C PHE A 25 0.85 -5.71 -0.05
N ARG A 26 1.76 -5.65 0.92
CA ARG A 26 2.31 -4.38 1.39
C ARG A 26 3.65 -4.10 0.72
N TYR A 27 3.67 -3.11 -0.17
CA TYR A 27 4.89 -2.74 -0.88
C TYR A 27 5.36 -1.36 -0.45
N ARG A 28 6.49 -1.31 0.24
CA ARG A 28 7.05 -0.05 0.71
C ARG A 28 8.21 0.39 -0.19
N CYS A 29 8.10 1.60 -0.73
CA CYS A 29 9.12 2.14 -1.61
C CYS A 29 10.52 1.92 -1.01
N GLN A 30 11.54 2.03 -1.86
CA GLN A 30 12.92 1.84 -1.41
C GLN A 30 13.35 2.98 -0.50
N GLN A 31 13.59 4.14 -1.09
CA GLN A 31 14.02 5.32 -0.33
C GLN A 31 12.91 6.36 -0.26
N CYS A 32 12.26 6.45 0.89
CA CYS A 32 11.18 7.40 1.09
C CYS A 32 10.70 7.38 2.54
N HIS A 33 9.90 8.38 2.91
CA HIS A 33 9.37 8.49 4.27
C HIS A 33 8.23 7.50 4.48
N ASN A 34 7.07 7.80 3.92
CA ASN A 34 5.90 6.94 4.06
C ASN A 34 5.24 6.70 2.71
N TYR A 35 5.69 5.67 2.01
CA TYR A 35 5.15 5.34 0.70
C TYR A 35 4.84 3.85 0.59
N GLN A 36 3.57 3.49 0.72
CA GLN A 36 3.15 2.10 0.64
C GLN A 36 2.09 1.91 -0.44
N LEU A 37 2.16 0.77 -1.13
CA LEU A 37 1.20 0.46 -2.19
C LEU A 37 0.99 -1.04 -2.31
N CYS A 38 -0.15 -1.42 -2.88
CA CYS A 38 -0.47 -2.83 -3.06
C CYS A 38 -0.16 -3.29 -4.47
N GLN A 39 -0.36 -4.58 -4.73
CA GLN A 39 -0.09 -5.15 -6.05
C GLN A 39 -0.68 -4.26 -7.15
N ASP A 40 -1.94 -3.88 -6.99
CA ASP A 40 -2.62 -3.03 -7.97
C ASP A 40 -1.93 -1.67 -8.07
N CYS A 41 -1.96 -0.91 -6.98
CA CYS A 41 -1.35 0.41 -6.95
C CYS A 41 -0.03 0.42 -7.71
N PHE A 42 0.83 -0.54 -7.40
CA PHE A 42 2.14 -0.65 -8.05
C PHE A 42 1.97 -0.86 -9.55
N TRP A 43 1.32 -1.96 -9.93
CA TRP A 43 1.09 -2.29 -11.33
C TRP A 43 0.65 -1.04 -12.11
N ARG A 44 -0.24 -0.26 -11.51
CA ARG A 44 -0.74 0.95 -12.15
C ARG A 44 0.34 2.03 -12.18
N GLY A 45 1.11 2.12 -11.10
CA GLY A 45 2.17 3.11 -11.03
C GLY A 45 1.74 4.36 -10.29
N HIS A 46 2.31 4.58 -9.11
CA HIS A 46 1.98 5.74 -8.29
C HIS A 46 3.22 6.58 -8.01
N ALA A 47 3.05 7.90 -7.96
CA ALA A 47 4.15 8.80 -7.69
C ALA A 47 3.66 10.24 -7.55
N GLY A 48 4.61 11.16 -7.36
CA GLY A 48 4.25 12.57 -7.22
C GLY A 48 5.46 13.45 -7.01
N GLY A 49 5.22 14.75 -6.90
CA GLY A 49 6.31 15.69 -6.70
C GLY A 49 7.39 15.14 -5.78
N SER A 50 6.99 14.24 -4.88
CA SER A 50 7.94 13.64 -3.94
C SER A 50 8.46 12.31 -4.47
N HIS A 51 7.60 11.30 -4.43
CA HIS A 51 7.96 9.97 -4.90
C HIS A 51 8.15 9.96 -6.42
N SER A 52 9.01 9.07 -6.89
CA SER A 52 9.28 8.97 -8.33
C SER A 52 8.82 7.62 -8.87
N ASN A 53 8.10 7.65 -9.98
CA ASN A 53 7.60 6.43 -10.60
C ASN A 53 8.71 5.40 -10.75
N GLN A 54 9.95 5.87 -10.75
CA GLN A 54 11.10 4.98 -10.88
C GLN A 54 11.38 4.26 -9.57
N HIS A 55 11.13 4.94 -8.46
CA HIS A 55 11.35 4.36 -7.14
C HIS A 55 10.74 2.97 -7.04
N GLN A 56 11.57 1.98 -6.72
CA GLN A 56 11.11 0.60 -6.59
C GLN A 56 10.40 0.39 -5.26
N MET A 57 9.61 -0.68 -5.18
CA MET A 57 8.87 -0.99 -3.97
C MET A 57 9.27 -2.36 -3.44
N LYS A 58 9.54 -2.44 -2.14
CA LYS A 58 9.93 -3.69 -1.50
C LYS A 58 8.73 -4.40 -0.90
N GLU A 59 8.74 -5.73 -0.98
CA GLU A 59 7.64 -6.53 -0.43
C GLU A 59 7.81 -6.74 1.07
N TYR A 60 6.73 -6.55 1.81
CA TYR A 60 6.75 -6.72 3.26
C TYR A 60 5.76 -7.79 3.71
N THR A 61 6.28 -8.87 4.28
CA THR A 61 5.44 -9.97 4.74
C THR A 61 5.09 -9.79 6.21
N SER A 62 4.71 -8.57 6.58
CA SER A 62 4.35 -8.27 7.97
C SER A 62 2.84 -8.13 8.11
N TRP A 63 2.23 -7.38 7.19
CA TRP A 63 0.79 -7.17 7.21
C TRP A 63 0.05 -8.33 6.58
ZN ZN B . -3.32 -0.09 -3.24
ZN ZN C . 9.85 6.68 -3.34
N GLY A 1 -30.87 -5.49 8.64
CA GLY A 1 -29.55 -5.38 8.03
C GLY A 1 -28.43 -5.38 9.05
N SER A 2 -27.49 -6.30 8.91
CA SER A 2 -26.37 -6.41 9.82
C SER A 2 -25.23 -7.20 9.21
N SER A 3 -24.07 -7.16 9.84
CA SER A 3 -22.88 -7.87 9.36
C SER A 3 -21.88 -8.10 10.48
N GLY A 4 -21.31 -9.30 10.52
CA GLY A 4 -20.33 -9.63 11.54
C GLY A 4 -19.00 -10.06 10.96
N SER A 5 -18.50 -11.20 11.42
CA SER A 5 -17.22 -11.72 10.95
C SER A 5 -17.08 -13.20 11.28
N SER A 6 -16.54 -13.97 10.34
CA SER A 6 -16.35 -15.39 10.54
C SER A 6 -14.89 -15.79 10.33
N GLY A 7 -14.14 -15.91 11.43
CA GLY A 7 -12.75 -16.28 11.34
C GLY A 7 -11.83 -15.17 11.83
N VAL A 8 -10.61 -15.55 12.22
CA VAL A 8 -9.64 -14.59 12.72
C VAL A 8 -8.86 -13.94 11.57
N PHE A 9 -9.42 -12.87 11.02
CA PHE A 9 -8.77 -12.16 9.92
C PHE A 9 -7.88 -11.04 10.42
N HIS A 10 -6.97 -10.58 9.57
CA HIS A 10 -6.05 -9.51 9.95
C HIS A 10 -6.31 -8.26 9.10
N PRO A 11 -5.97 -7.09 9.66
CA PRO A 11 -6.15 -5.81 8.97
C PRO A 11 -5.20 -5.63 7.80
N VAL A 12 -5.65 -6.04 6.62
CA VAL A 12 -4.83 -5.94 5.42
C VAL A 12 -5.41 -4.90 4.45
N GLU A 13 -4.99 -3.65 4.61
CA GLU A 13 -5.47 -2.57 3.75
C GLU A 13 -4.31 -1.79 3.15
N CYS A 14 -4.61 -0.91 2.22
CA CYS A 14 -3.59 -0.10 1.56
C CYS A 14 -3.46 1.26 2.23
N SER A 15 -2.49 2.05 1.76
CA SER A 15 -2.26 3.38 2.32
C SER A 15 -2.83 4.46 1.42
N TYR A 16 -2.90 4.15 0.12
CA TYR A 16 -3.42 5.10 -0.86
C TYR A 16 -4.84 4.72 -1.28
N CYS A 17 -4.96 3.65 -2.05
CA CYS A 17 -6.26 3.17 -2.53
C CYS A 17 -7.09 2.65 -1.36
N HIS A 18 -6.45 2.41 -0.23
CA HIS A 18 -7.13 1.91 0.96
C HIS A 18 -8.14 0.83 0.57
N SER A 19 -7.68 -0.16 -0.19
CA SER A 19 -8.55 -1.25 -0.63
C SER A 19 -8.81 -2.23 0.52
N GLU A 20 -9.59 -3.26 0.24
CA GLU A 20 -9.92 -4.26 1.24
C GLU A 20 -9.53 -5.66 0.76
N SER A 21 -9.84 -5.95 -0.50
CA SER A 21 -9.53 -7.25 -1.08
C SER A 21 -8.12 -7.70 -0.69
N MET A 22 -7.98 -8.98 -0.37
CA MET A 22 -6.68 -9.53 0.01
C MET A 22 -5.95 -10.09 -1.21
N MET A 23 -5.95 -9.32 -2.29
CA MET A 23 -5.28 -9.73 -3.53
C MET A 23 -4.00 -8.93 -3.74
N GLY A 24 -2.93 -9.33 -3.08
CA GLY A 24 -1.66 -8.64 -3.21
C GLY A 24 -0.90 -8.55 -1.90
N PHE A 25 0.12 -7.70 -1.88
CA PHE A 25 0.93 -7.54 -0.68
C PHE A 25 1.33 -6.07 -0.49
N ARG A 26 1.96 -5.77 0.64
CA ARG A 26 2.39 -4.41 0.94
C ARG A 26 3.74 -4.12 0.31
N TYR A 27 3.79 -3.07 -0.52
CA TYR A 27 5.02 -2.69 -1.19
C TYR A 27 5.44 -1.28 -0.79
N ARG A 28 6.41 -1.20 0.14
CA ARG A 28 6.90 0.08 0.61
C ARG A 28 8.10 0.54 -0.21
N CYS A 29 8.00 1.73 -0.78
CA CYS A 29 9.08 2.28 -1.59
C CYS A 29 10.43 2.05 -0.93
N GLN A 30 11.50 2.17 -1.71
CA GLN A 30 12.85 1.97 -1.20
C GLN A 30 13.30 3.16 -0.35
N GLN A 31 13.55 4.29 -1.01
CA GLN A 31 13.99 5.49 -0.32
C GLN A 31 12.88 6.54 -0.31
N CYS A 32 12.23 6.71 0.83
CA CYS A 32 11.16 7.68 0.97
C CYS A 32 10.68 7.75 2.42
N HIS A 33 9.83 8.74 2.70
CA HIS A 33 9.29 8.92 4.05
C HIS A 33 8.16 7.93 4.32
N ASN A 34 7.01 8.18 3.70
CA ASN A 34 5.85 7.31 3.88
C ASN A 34 5.18 7.03 2.54
N TYR A 35 5.65 5.99 1.86
CA TYR A 35 5.10 5.62 0.56
C TYR A 35 4.84 4.11 0.49
N GLN A 36 3.58 3.72 0.64
CA GLN A 36 3.19 2.32 0.59
C GLN A 36 2.15 2.07 -0.48
N LEU A 37 2.31 0.97 -1.22
CA LEU A 37 1.37 0.63 -2.28
C LEU A 37 1.20 -0.88 -2.38
N CYS A 38 0.02 -1.32 -2.82
CA CYS A 38 -0.27 -2.74 -2.96
C CYS A 38 -0.02 -3.20 -4.39
N GLN A 39 -0.13 -4.50 -4.60
CA GLN A 39 0.09 -5.08 -5.93
C GLN A 39 -0.64 -4.27 -6.99
N ASP A 40 -1.86 -3.85 -6.68
CA ASP A 40 -2.66 -3.07 -7.62
C ASP A 40 -2.03 -1.70 -7.85
N CYS A 41 -1.98 -0.89 -6.80
CA CYS A 41 -1.41 0.45 -6.90
C CYS A 41 -0.08 0.42 -7.66
N PHE A 42 0.83 -0.44 -7.23
CA PHE A 42 2.13 -0.57 -7.87
C PHE A 42 1.98 -0.90 -9.35
N TRP A 43 1.38 -2.06 -9.62
CA TRP A 43 1.17 -2.50 -10.99
C TRP A 43 0.75 -1.34 -11.88
N ARG A 44 -0.16 -0.51 -11.38
CA ARG A 44 -0.65 0.64 -12.12
C ARG A 44 0.43 1.70 -12.26
N GLY A 45 1.19 1.90 -11.18
CA GLY A 45 2.26 2.89 -11.19
C GLY A 45 1.82 4.22 -10.62
N HIS A 46 2.28 4.54 -9.41
CA HIS A 46 1.93 5.78 -8.75
C HIS A 46 3.18 6.58 -8.39
N ALA A 47 3.04 7.90 -8.34
CA ALA A 47 4.16 8.77 -8.00
C ALA A 47 3.71 10.22 -7.89
N GLY A 48 4.66 11.12 -7.66
CA GLY A 48 4.34 12.53 -7.53
C GLY A 48 5.57 13.37 -7.26
N GLY A 49 5.36 14.69 -7.14
CA GLY A 49 6.47 15.59 -6.88
C GLY A 49 7.45 15.03 -5.88
N SER A 50 6.94 14.26 -4.92
CA SER A 50 7.79 13.67 -3.89
C SER A 50 8.36 12.33 -4.35
N HIS A 51 7.47 11.34 -4.49
CA HIS A 51 7.88 10.01 -4.93
C HIS A 51 8.16 9.99 -6.43
N SER A 52 9.24 9.32 -6.81
CA SER A 52 9.62 9.23 -8.23
C SER A 52 9.26 7.86 -8.79
N ASN A 53 8.58 7.86 -9.94
CA ASN A 53 8.17 6.62 -10.59
C ASN A 53 9.34 5.65 -10.67
N GLN A 54 10.56 6.19 -10.67
CA GLN A 54 11.75 5.36 -10.75
C GLN A 54 12.15 4.85 -9.38
N HIS A 55 11.17 4.74 -8.47
CA HIS A 55 11.42 4.26 -7.12
C HIS A 55 10.88 2.84 -6.95
N GLN A 56 11.77 1.92 -6.59
CA GLN A 56 11.40 0.53 -6.39
C GLN A 56 10.72 0.33 -5.04
N MET A 57 9.74 -0.57 -4.99
CA MET A 57 9.02 -0.85 -3.75
C MET A 57 9.34 -2.25 -3.25
N LYS A 58 9.55 -2.37 -1.95
CA LYS A 58 9.86 -3.65 -1.34
C LYS A 58 8.59 -4.31 -0.77
N GLU A 59 8.41 -5.59 -1.09
CA GLU A 59 7.25 -6.32 -0.61
C GLU A 59 7.50 -6.93 0.76
N TYR A 60 6.51 -6.83 1.64
CA TYR A 60 6.62 -7.36 2.99
C TYR A 60 5.46 -8.30 3.31
N THR A 61 5.76 -9.40 3.98
CA THR A 61 4.75 -10.38 4.35
C THR A 61 4.04 -9.98 5.64
N SER A 62 4.00 -8.68 5.92
CA SER A 62 3.36 -8.17 7.12
C SER A 62 2.18 -7.27 6.77
N TRP A 63 1.45 -7.64 5.73
CA TRP A 63 0.30 -6.86 5.29
C TRP A 63 -0.88 -7.04 6.24
ZN ZN B . -3.42 0.01 -3.10
ZN ZN C . 9.81 6.77 -3.43
N GLY A 1 -16.20 13.44 -4.49
CA GLY A 1 -16.36 13.84 -3.11
C GLY A 1 -17.06 12.79 -2.28
N SER A 2 -16.31 11.80 -1.81
CA SER A 2 -16.86 10.72 -1.01
C SER A 2 -16.15 10.62 0.33
N SER A 3 -16.80 9.99 1.31
CA SER A 3 -16.22 9.83 2.64
C SER A 3 -16.29 8.37 3.08
N GLY A 4 -15.72 8.08 4.24
CA GLY A 4 -15.72 6.72 4.75
C GLY A 4 -14.88 6.59 6.01
N SER A 5 -15.51 6.15 7.10
CA SER A 5 -14.82 5.97 8.37
C SER A 5 -13.76 4.88 8.26
N SER A 6 -12.71 5.01 9.07
CA SER A 6 -11.62 4.04 9.06
C SER A 6 -12.04 2.75 9.76
N GLY A 7 -11.44 1.64 9.35
CA GLY A 7 -11.77 0.36 9.93
C GLY A 7 -10.53 -0.41 10.37
N VAL A 8 -10.70 -1.71 10.64
CA VAL A 8 -9.59 -2.55 11.06
C VAL A 8 -8.69 -2.90 9.89
N PHE A 9 -7.38 -2.92 10.15
CA PHE A 9 -6.41 -3.24 9.11
C PHE A 9 -5.98 -4.71 9.20
N HIS A 10 -6.93 -5.57 9.56
CA HIS A 10 -6.66 -7.00 9.68
C HIS A 10 -6.43 -7.62 8.30
N PRO A 11 -7.42 -7.50 7.42
CA PRO A 11 -7.36 -8.05 6.06
C PRO A 11 -6.35 -7.29 5.19
N VAL A 12 -6.33 -7.62 3.90
CA VAL A 12 -5.43 -6.98 2.96
C VAL A 12 -5.90 -5.56 2.62
N GLU A 13 -5.20 -4.56 3.17
CA GLU A 13 -5.55 -3.18 2.92
C GLU A 13 -4.40 -2.45 2.23
N CYS A 14 -4.56 -1.13 2.05
CA CYS A 14 -3.54 -0.32 1.42
C CYS A 14 -3.41 1.04 2.11
N SER A 15 -2.49 1.86 1.61
CA SER A 15 -2.26 3.19 2.19
C SER A 15 -3.01 4.26 1.38
N TYR A 16 -2.86 4.20 0.07
CA TYR A 16 -3.51 5.17 -0.82
C TYR A 16 -4.93 4.71 -1.18
N CYS A 17 -5.00 3.62 -1.94
CA CYS A 17 -6.29 3.08 -2.36
C CYS A 17 -7.06 2.53 -1.16
N HIS A 18 -6.35 2.26 -0.07
CA HIS A 18 -6.97 1.73 1.14
C HIS A 18 -8.21 0.91 0.80
N SER A 19 -8.06 -0.01 -0.15
CA SER A 19 -9.18 -0.86 -0.56
C SER A 19 -9.49 -1.90 0.49
N GLU A 20 -10.53 -2.69 0.25
CA GLU A 20 -10.95 -3.73 1.19
C GLU A 20 -10.78 -5.11 0.58
N SER A 21 -10.99 -5.21 -0.73
CA SER A 21 -10.86 -6.48 -1.43
C SER A 21 -9.55 -7.18 -1.06
N MET A 22 -9.62 -8.48 -0.81
CA MET A 22 -8.45 -9.26 -0.45
C MET A 22 -7.63 -9.63 -1.69
N MET A 23 -6.58 -8.87 -1.94
CA MET A 23 -5.72 -9.11 -3.09
C MET A 23 -4.51 -8.18 -3.09
N GLY A 24 -3.35 -8.73 -3.39
CA GLY A 24 -2.13 -7.93 -3.42
C GLY A 24 -1.36 -8.02 -2.11
N PHE A 25 -0.16 -7.43 -2.10
CA PHE A 25 0.68 -7.45 -0.90
C PHE A 25 1.13 -6.04 -0.55
N ARG A 26 1.74 -5.91 0.64
CA ARG A 26 2.22 -4.62 1.10
C ARG A 26 3.57 -4.28 0.48
N TYR A 27 3.60 -3.25 -0.35
CA TYR A 27 4.83 -2.83 -1.02
C TYR A 27 5.25 -1.44 -0.56
N ARG A 28 6.41 -1.35 0.07
CA ARG A 28 6.93 -0.09 0.55
C ARG A 28 8.07 0.42 -0.34
N CYS A 29 7.97 1.67 -0.76
CA CYS A 29 8.99 2.27 -1.61
C CYS A 29 10.38 2.08 -1.01
N GLN A 30 11.41 2.25 -1.84
CA GLN A 30 12.79 2.09 -1.41
C GLN A 30 13.19 3.22 -0.47
N GLN A 31 13.42 4.40 -1.04
CA GLN A 31 13.81 5.57 -0.26
C GLN A 31 12.67 6.57 -0.17
N CYS A 32 12.02 6.63 0.98
CA CYS A 32 10.92 7.56 1.20
C CYS A 32 10.44 7.51 2.65
N HIS A 33 9.73 8.56 3.06
CA HIS A 33 9.21 8.63 4.43
C HIS A 33 8.08 7.63 4.63
N ASN A 34 6.93 7.93 4.04
CA ASN A 34 5.76 7.06 4.16
C ASN A 34 5.09 6.84 2.81
N TYR A 35 5.57 5.85 2.06
CA TYR A 35 5.02 5.53 0.76
C TYR A 35 4.77 4.04 0.61
N GLN A 36 3.50 3.64 0.72
CA GLN A 36 3.13 2.23 0.60
C GLN A 36 2.09 2.05 -0.48
N LEU A 37 2.11 0.88 -1.13
CA LEU A 37 1.15 0.58 -2.19
C LEU A 37 0.94 -0.93 -2.30
N CYS A 38 -0.23 -1.31 -2.81
CA CYS A 38 -0.56 -2.72 -2.97
C CYS A 38 -0.25 -3.20 -4.39
N GLN A 39 -0.34 -4.51 -4.61
CA GLN A 39 -0.05 -5.09 -5.91
C GLN A 39 -0.67 -4.25 -7.03
N ASP A 40 -1.94 -3.88 -6.86
CA ASP A 40 -2.64 -3.08 -7.85
C ASP A 40 -1.99 -1.70 -8.00
N CYS A 41 -1.99 -0.94 -6.91
CA CYS A 41 -1.39 0.39 -6.92
C CYS A 41 -0.05 0.39 -7.66
N PHE A 42 0.86 -0.44 -7.20
CA PHE A 42 2.19 -0.54 -7.82
C PHE A 42 2.06 -0.81 -9.31
N TRP A 43 1.38 -1.91 -9.66
CA TRP A 43 1.19 -2.28 -11.06
C TRP A 43 0.84 -1.06 -11.90
N ARG A 44 -0.19 -0.33 -11.48
CA ARG A 44 -0.62 0.86 -12.21
C ARG A 44 0.46 1.93 -12.21
N GLY A 45 1.15 2.07 -11.08
CA GLY A 45 2.21 3.05 -10.96
C GLY A 45 1.74 4.34 -10.30
N HIS A 46 2.27 4.61 -9.11
CA HIS A 46 1.90 5.81 -8.38
C HIS A 46 3.13 6.65 -8.05
N ALA A 47 2.94 7.96 -7.99
CA ALA A 47 4.05 8.87 -7.68
C ALA A 47 3.54 10.32 -7.57
N GLY A 48 4.47 11.24 -7.34
CA GLY A 48 4.11 12.64 -7.21
C GLY A 48 5.32 13.53 -6.97
N GLY A 49 5.07 14.83 -6.86
CA GLY A 49 6.16 15.77 -6.62
C GLY A 49 7.20 15.22 -5.67
N SER A 50 6.77 14.36 -4.75
CA SER A 50 7.68 13.77 -3.78
C SER A 50 8.24 12.44 -4.30
N HIS A 51 7.41 11.41 -4.30
CA HIS A 51 7.83 10.10 -4.77
C HIS A 51 8.10 10.12 -6.27
N SER A 52 9.05 9.29 -6.71
CA SER A 52 9.40 9.21 -8.12
C SER A 52 9.02 7.86 -8.71
N ASN A 53 8.38 7.90 -9.88
CA ASN A 53 7.95 6.68 -10.55
C ASN A 53 9.10 5.68 -10.65
N GLN A 54 10.32 6.19 -10.63
CA GLN A 54 11.51 5.34 -10.72
C GLN A 54 11.73 4.59 -9.41
N HIS A 55 11.41 5.23 -8.30
CA HIS A 55 11.57 4.62 -6.98
C HIS A 55 11.02 3.19 -6.97
N GLN A 56 11.84 2.25 -6.54
CA GLN A 56 11.43 0.84 -6.48
C GLN A 56 10.64 0.57 -5.20
N MET A 57 9.95 -0.57 -5.19
CA MET A 57 9.16 -0.95 -4.04
C MET A 57 9.52 -2.36 -3.56
N LYS A 58 9.58 -2.54 -2.25
CA LYS A 58 9.92 -3.83 -1.67
C LYS A 58 8.69 -4.50 -1.03
N GLU A 59 8.68 -5.82 -1.01
CA GLU A 59 7.57 -6.57 -0.44
C GLU A 59 7.79 -6.82 1.05
N TYR A 60 6.76 -6.60 1.86
CA TYR A 60 6.85 -6.80 3.29
C TYR A 60 5.56 -7.39 3.85
N THR A 61 5.68 -8.46 4.62
CA THR A 61 4.53 -9.12 5.21
C THR A 61 4.28 -8.63 6.63
N SER A 62 3.54 -7.54 6.76
CA SER A 62 3.23 -6.98 8.07
C SER A 62 1.73 -7.03 8.35
N TRP A 63 0.94 -6.68 7.34
CA TRP A 63 -0.52 -6.68 7.47
C TRP A 63 -0.97 -7.80 8.40
ZN ZN B . -3.46 -0.03 -3.24
ZN ZN C . 9.73 6.82 -3.24
N GLY A 1 -20.89 2.19 9.70
CA GLY A 1 -19.96 3.26 9.39
C GLY A 1 -18.70 2.75 8.71
N SER A 2 -17.55 3.19 9.19
CA SER A 2 -16.26 2.78 8.62
C SER A 2 -15.12 3.16 9.54
N SER A 3 -14.40 2.14 10.03
CA SER A 3 -13.28 2.37 10.93
C SER A 3 -12.36 1.15 10.96
N GLY A 4 -11.15 1.35 11.48
CA GLY A 4 -10.19 0.26 11.56
C GLY A 4 -10.03 -0.27 12.97
N SER A 5 -10.86 -1.24 13.34
CA SER A 5 -10.82 -1.82 14.68
C SER A 5 -10.32 -3.26 14.62
N SER A 6 -9.01 -3.43 14.73
CA SER A 6 -8.41 -4.76 14.69
C SER A 6 -9.11 -5.71 15.65
N GLY A 7 -9.45 -6.90 15.16
CA GLY A 7 -10.12 -7.88 15.99
C GLY A 7 -9.52 -9.27 15.86
N VAL A 8 -10.06 -10.07 14.96
CA VAL A 8 -9.58 -11.43 14.74
C VAL A 8 -8.25 -11.42 13.97
N PHE A 9 -8.27 -10.82 12.79
CA PHE A 9 -7.08 -10.74 11.95
C PHE A 9 -7.03 -9.42 11.19
N HIS A 10 -5.83 -8.98 10.85
CA HIS A 10 -5.65 -7.73 10.12
C HIS A 10 -5.90 -7.94 8.63
N PRO A 11 -6.92 -7.25 8.09
CA PRO A 11 -7.29 -7.33 6.68
C PRO A 11 -6.25 -6.70 5.76
N VAL A 12 -6.51 -6.73 4.47
CA VAL A 12 -5.59 -6.15 3.48
C VAL A 12 -6.07 -4.78 3.03
N GLU A 13 -5.64 -3.75 3.74
CA GLU A 13 -6.02 -2.37 3.41
C GLU A 13 -4.80 -1.57 2.98
N CYS A 14 -4.94 -0.87 1.85
CA CYS A 14 -3.86 -0.05 1.32
C CYS A 14 -3.78 1.29 2.06
N SER A 15 -2.74 2.06 1.74
CA SER A 15 -2.54 3.36 2.38
C SER A 15 -3.10 4.48 1.50
N TYR A 16 -2.88 4.36 0.19
CA TYR A 16 -3.35 5.35 -0.76
C TYR A 16 -4.76 5.02 -1.26
N CYS A 17 -4.84 3.97 -2.08
CA CYS A 17 -6.13 3.54 -2.63
C CYS A 17 -7.02 2.96 -1.54
N HIS A 18 -6.42 2.64 -0.39
CA HIS A 18 -7.16 2.07 0.73
C HIS A 18 -8.12 0.98 0.25
N SER A 19 -7.58 0.02 -0.49
CA SER A 19 -8.40 -1.08 -1.01
C SER A 19 -8.82 -2.02 0.11
N GLU A 20 -9.61 -3.03 -0.24
CA GLU A 20 -10.09 -4.00 0.74
C GLU A 20 -9.81 -5.42 0.27
N SER A 21 -9.85 -5.63 -1.04
CA SER A 21 -9.61 -6.95 -1.62
C SER A 21 -8.25 -7.49 -1.19
N MET A 22 -8.19 -8.78 -0.91
CA MET A 22 -6.95 -9.43 -0.49
C MET A 22 -5.91 -9.37 -1.60
N MET A 23 -6.34 -9.68 -2.83
CA MET A 23 -5.44 -9.67 -3.97
C MET A 23 -4.43 -8.52 -3.87
N GLY A 24 -3.18 -8.87 -3.55
CA GLY A 24 -2.16 -7.86 -3.42
C GLY A 24 -1.42 -7.96 -2.10
N PHE A 25 -0.23 -7.36 -2.04
CA PHE A 25 0.58 -7.38 -0.83
C PHE A 25 1.08 -5.97 -0.49
N ARG A 26 1.66 -5.84 0.70
CA ARG A 26 2.19 -4.55 1.14
C ARG A 26 3.59 -4.31 0.58
N TYR A 27 3.72 -3.28 -0.24
CA TYR A 27 5.01 -2.94 -0.84
C TYR A 27 5.46 -1.55 -0.44
N ARG A 28 6.51 -1.48 0.38
CA ARG A 28 7.04 -0.20 0.85
C ARG A 28 8.18 0.27 -0.04
N CYS A 29 8.06 1.48 -0.57
CA CYS A 29 9.09 2.05 -1.44
C CYS A 29 10.48 1.82 -0.85
N GLN A 30 11.49 1.96 -1.70
CA GLN A 30 12.87 1.76 -1.28
C GLN A 30 13.32 2.90 -0.37
N GLN A 31 13.57 4.07 -0.98
CA GLN A 31 14.00 5.24 -0.23
C GLN A 31 12.90 6.28 -0.14
N CYS A 32 12.27 6.37 1.03
CA CYS A 32 11.19 7.32 1.25
C CYS A 32 10.73 7.31 2.70
N HIS A 33 9.95 8.31 3.07
CA HIS A 33 9.44 8.42 4.45
C HIS A 33 8.32 7.40 4.68
N ASN A 34 7.14 7.69 4.15
CA ASN A 34 5.99 6.81 4.31
C ASN A 34 5.26 6.63 2.98
N TYR A 35 5.70 5.65 2.20
CA TYR A 35 5.09 5.37 0.91
C TYR A 35 4.83 3.88 0.74
N GLN A 36 3.58 3.48 0.90
CA GLN A 36 3.20 2.07 0.76
C GLN A 36 2.15 1.89 -0.32
N LEU A 37 2.26 0.80 -1.07
CA LEU A 37 1.31 0.51 -2.15
C LEU A 37 1.06 -0.99 -2.26
N CYS A 38 -0.04 -1.34 -2.91
CA CYS A 38 -0.39 -2.75 -3.10
C CYS A 38 -0.14 -3.19 -4.54
N GLN A 39 -0.36 -4.48 -4.81
CA GLN A 39 -0.15 -5.02 -6.14
C GLN A 39 -0.78 -4.12 -7.20
N ASP A 40 -2.04 -3.76 -7.00
CA ASP A 40 -2.75 -2.90 -7.94
C ASP A 40 -2.02 -1.57 -8.11
N CYS A 41 -1.90 -0.82 -7.03
CA CYS A 41 -1.24 0.48 -7.05
C CYS A 41 0.05 0.40 -7.87
N PHE A 42 0.83 -0.65 -7.64
CA PHE A 42 2.09 -0.85 -8.34
C PHE A 42 1.85 -1.02 -9.84
N TRP A 43 1.05 -2.02 -10.20
CA TRP A 43 0.75 -2.29 -11.60
C TRP A 43 0.42 -1.00 -12.34
N ARG A 44 -0.40 -0.16 -11.73
CA ARG A 44 -0.80 1.11 -12.33
C ARG A 44 0.33 2.13 -12.25
N GLY A 45 1.04 2.12 -11.13
CA GLY A 45 2.15 3.05 -10.95
C GLY A 45 1.71 4.37 -10.32
N HIS A 46 2.18 4.62 -9.11
CA HIS A 46 1.83 5.84 -8.40
C HIS A 46 3.08 6.62 -8.01
N ALA A 47 2.93 7.95 -7.89
CA ALA A 47 4.05 8.80 -7.52
C ALA A 47 3.59 10.25 -7.33
N GLY A 48 4.55 11.14 -7.10
CA GLY A 48 4.23 12.54 -6.90
C GLY A 48 5.46 13.39 -6.65
N GLY A 49 5.26 14.70 -6.55
CA GLY A 49 6.36 15.60 -6.31
C GLY A 49 7.42 15.00 -5.41
N SER A 50 7.00 14.13 -4.50
CA SER A 50 7.91 13.49 -3.57
C SER A 50 8.40 12.15 -4.12
N HIS A 51 7.53 11.15 -4.07
CA HIS A 51 7.86 9.82 -4.57
C HIS A 51 8.08 9.84 -6.08
N SER A 52 8.87 8.89 -6.57
CA SER A 52 9.16 8.81 -8.00
C SER A 52 8.71 7.47 -8.57
N ASN A 53 8.00 7.53 -9.70
CA ASN A 53 7.50 6.32 -10.34
C ASN A 53 8.61 5.30 -10.50
N GLN A 54 9.85 5.76 -10.54
CA GLN A 54 11.00 4.89 -10.69
C GLN A 54 11.29 4.14 -9.38
N HIS A 55 11.02 4.80 -8.26
CA HIS A 55 11.26 4.20 -6.95
C HIS A 55 10.63 2.80 -6.87
N GLN A 56 11.47 1.80 -6.65
CA GLN A 56 11.00 0.42 -6.55
C GLN A 56 10.43 0.14 -5.16
N MET A 57 9.38 -0.67 -5.11
CA MET A 57 8.75 -1.03 -3.84
C MET A 57 9.21 -2.40 -3.37
N LYS A 58 9.54 -2.49 -2.08
CA LYS A 58 10.01 -3.74 -1.50
C LYS A 58 8.87 -4.46 -0.78
N GLU A 59 8.86 -5.78 -0.87
CA GLU A 59 7.82 -6.59 -0.24
C GLU A 59 8.03 -6.65 1.27
N TYR A 60 7.00 -6.26 2.01
CA TYR A 60 7.07 -6.27 3.47
C TYR A 60 6.05 -7.22 4.06
N THR A 61 6.54 -8.19 4.84
CA THR A 61 5.67 -9.17 5.48
C THR A 61 5.00 -8.61 6.72
N SER A 62 3.92 -7.85 6.51
CA SER A 62 3.19 -7.24 7.62
C SER A 62 1.89 -7.99 7.88
N TRP A 63 1.02 -8.04 6.87
CA TRP A 63 -0.26 -8.73 6.99
C TRP A 63 -0.18 -10.13 6.40
ZN ZN B . -3.27 0.20 -3.30
ZN ZN C . 9.79 6.57 -3.17
N GLY A 1 -21.44 -6.00 0.44
CA GLY A 1 -20.33 -5.17 0.85
C GLY A 1 -19.00 -5.69 0.35
N SER A 2 -18.89 -5.89 -0.95
CA SER A 2 -17.65 -6.40 -1.55
C SER A 2 -17.35 -7.80 -1.02
N SER A 3 -18.37 -8.63 -0.93
CA SER A 3 -18.21 -10.00 -0.44
C SER A 3 -17.19 -10.05 0.70
N GLY A 4 -17.27 -9.08 1.60
CA GLY A 4 -16.35 -9.03 2.72
C GLY A 4 -16.35 -10.31 3.52
N SER A 5 -15.22 -11.01 3.53
CA SER A 5 -15.08 -12.26 4.25
C SER A 5 -15.43 -12.07 5.73
N SER A 6 -16.13 -13.05 6.29
CA SER A 6 -16.54 -12.99 7.69
C SER A 6 -15.43 -13.53 8.60
N GLY A 7 -14.95 -12.68 9.49
CA GLY A 7 -13.89 -13.08 10.40
C GLY A 7 -12.57 -13.33 9.70
N VAL A 8 -11.66 -12.36 9.78
CA VAL A 8 -10.36 -12.48 9.14
C VAL A 8 -9.26 -12.71 10.18
N PHE A 9 -8.07 -13.05 9.70
CA PHE A 9 -6.94 -13.30 10.59
C PHE A 9 -6.14 -12.02 10.81
N HIS A 10 -5.74 -11.37 9.72
CA HIS A 10 -4.97 -10.13 9.79
C HIS A 10 -5.53 -9.08 8.83
N PRO A 11 -5.54 -7.82 9.27
CA PRO A 11 -6.04 -6.71 8.47
C PRO A 11 -5.13 -6.39 7.28
N VAL A 12 -5.73 -6.20 6.11
CA VAL A 12 -4.97 -5.89 4.91
C VAL A 12 -5.47 -4.60 4.26
N GLU A 13 -4.92 -3.47 4.70
CA GLU A 13 -5.31 -2.17 4.17
C GLU A 13 -4.12 -1.46 3.55
N CYS A 14 -4.29 -0.98 2.32
CA CYS A 14 -3.23 -0.28 1.61
C CYS A 14 -3.01 1.11 2.21
N SER A 15 -2.11 1.89 1.59
CA SER A 15 -1.81 3.23 2.06
C SER A 15 -2.55 4.28 1.23
N TYR A 16 -2.62 4.04 -0.08
CA TYR A 16 -3.30 4.96 -0.98
C TYR A 16 -4.72 4.50 -1.28
N CYS A 17 -4.83 3.37 -1.99
CA CYS A 17 -6.13 2.81 -2.35
C CYS A 17 -6.84 2.29 -1.10
N HIS A 18 -6.10 2.14 -0.01
CA HIS A 18 -6.68 1.65 1.24
C HIS A 18 -7.64 0.51 0.99
N SER A 19 -7.19 -0.48 0.21
CA SER A 19 -8.03 -1.63 -0.12
C SER A 19 -8.52 -2.33 1.15
N GLU A 20 -9.38 -3.32 0.97
CA GLU A 20 -9.93 -4.06 2.10
C GLU A 20 -9.66 -5.55 1.97
N SER A 21 -9.81 -6.07 0.75
CA SER A 21 -9.58 -7.48 0.49
C SER A 21 -8.40 -8.00 1.31
N MET A 22 -8.38 -9.31 1.56
CA MET A 22 -7.31 -9.93 2.33
C MET A 22 -5.99 -9.86 1.56
N MET A 23 -6.06 -10.08 0.25
CA MET A 23 -4.87 -10.05 -0.59
C MET A 23 -3.87 -9.02 -0.07
N GLY A 24 -2.75 -9.51 0.46
CA GLY A 24 -1.72 -8.62 0.98
C GLY A 24 -0.99 -7.88 -0.12
N PHE A 25 0.22 -8.34 -0.44
CA PHE A 25 1.02 -7.71 -1.47
C PHE A 25 1.41 -6.28 -1.08
N ARG A 26 1.84 -6.12 0.17
CA ARG A 26 2.23 -4.80 0.67
C ARG A 26 3.69 -4.51 0.34
N TYR A 27 3.91 -3.50 -0.49
CA TYR A 27 5.26 -3.11 -0.90
C TYR A 27 5.55 -1.67 -0.51
N ARG A 28 6.60 -1.47 0.28
CA ARG A 28 6.99 -0.13 0.71
C ARG A 28 8.13 0.41 -0.13
N CYS A 29 7.98 1.64 -0.61
CA CYS A 29 9.00 2.28 -1.44
C CYS A 29 10.37 2.18 -0.77
N GLN A 30 11.42 2.37 -1.57
CA GLN A 30 12.79 2.30 -1.06
C GLN A 30 13.05 3.43 -0.07
N GLN A 31 13.24 4.64 -0.60
CA GLN A 31 13.50 5.80 0.24
C GLN A 31 12.30 6.75 0.25
N CYS A 32 11.55 6.73 1.34
CA CYS A 32 10.38 7.59 1.48
C CYS A 32 9.78 7.47 2.88
N HIS A 33 9.47 8.62 3.48
CA HIS A 33 8.89 8.65 4.81
C HIS A 33 7.80 7.59 4.96
N ASN A 34 6.64 7.86 4.37
CA ASN A 34 5.52 6.92 4.42
C ASN A 34 4.89 6.74 3.05
N TYR A 35 5.44 5.83 2.26
CA TYR A 35 4.94 5.57 0.92
C TYR A 35 4.81 4.06 0.68
N GLN A 36 3.58 3.57 0.74
CA GLN A 36 3.32 2.15 0.52
C GLN A 36 2.33 1.94 -0.61
N LEU A 37 2.43 0.80 -1.28
CA LEU A 37 1.54 0.49 -2.40
C LEU A 37 1.35 -1.03 -2.52
N CYS A 38 0.18 -1.42 -3.00
CA CYS A 38 -0.14 -2.84 -3.18
C CYS A 38 0.07 -3.27 -4.62
N GLN A 39 -0.13 -4.56 -4.88
CA GLN A 39 0.04 -5.11 -6.22
C GLN A 39 -0.66 -4.21 -7.26
N ASP A 40 -1.92 -3.89 -6.99
CA ASP A 40 -2.69 -3.04 -7.90
C ASP A 40 -2.05 -1.66 -8.05
N CYS A 41 -1.92 -0.96 -6.93
CA CYS A 41 -1.33 0.37 -6.94
C CYS A 41 -0.12 0.43 -7.87
N PHE A 42 0.84 -0.46 -7.65
CA PHE A 42 2.04 -0.51 -8.48
C PHE A 42 1.68 -0.76 -9.94
N TRP A 43 0.88 -1.80 -10.18
CA TRP A 43 0.46 -2.15 -11.53
C TRP A 43 0.03 -0.91 -12.30
N ARG A 44 -0.72 -0.03 -11.64
CA ARG A 44 -1.20 1.19 -12.26
C ARG A 44 -0.12 2.27 -12.27
N GLY A 45 0.64 2.34 -11.18
CA GLY A 45 1.71 3.32 -11.08
C GLY A 45 1.27 4.56 -10.32
N HIS A 46 1.85 4.76 -9.14
CA HIS A 46 1.51 5.91 -8.31
C HIS A 46 2.77 6.72 -7.97
N ALA A 47 2.63 8.04 -7.96
CA ALA A 47 3.75 8.91 -7.65
C ALA A 47 3.30 10.37 -7.56
N GLY A 48 4.26 11.27 -7.38
CA GLY A 48 3.94 12.69 -7.27
C GLY A 48 5.17 13.55 -7.07
N GLY A 49 4.97 14.86 -6.96
CA GLY A 49 6.08 15.77 -6.76
C GLY A 49 7.08 15.25 -5.76
N SER A 50 6.60 14.44 -4.81
CA SER A 50 7.46 13.87 -3.78
C SER A 50 8.04 12.54 -4.22
N HIS A 51 7.19 11.52 -4.30
CA HIS A 51 7.61 10.19 -4.70
C HIS A 51 7.91 10.15 -6.19
N SER A 52 8.86 9.31 -6.58
CA SER A 52 9.24 9.18 -7.99
C SER A 52 8.86 7.80 -8.52
N ASN A 53 8.15 7.79 -9.65
CA ASN A 53 7.73 6.54 -10.28
C ASN A 53 8.88 5.55 -10.34
N GLN A 54 10.10 6.07 -10.40
CA GLN A 54 11.29 5.23 -10.47
C GLN A 54 11.52 4.51 -9.14
N HIS A 55 11.21 5.20 -8.04
CA HIS A 55 11.39 4.63 -6.71
C HIS A 55 10.86 3.20 -6.65
N GLN A 56 11.75 2.26 -6.34
CA GLN A 56 11.37 0.85 -6.26
C GLN A 56 10.62 0.57 -4.97
N MET A 57 10.09 -0.65 -4.86
CA MET A 57 9.33 -1.05 -3.67
C MET A 57 9.74 -2.45 -3.21
N LYS A 58 9.58 -2.71 -1.93
CA LYS A 58 9.91 -4.02 -1.37
C LYS A 58 8.77 -4.57 -0.52
N GLU A 59 8.48 -5.84 -0.69
CA GLU A 59 7.41 -6.49 0.06
C GLU A 59 7.77 -6.61 1.54
N TYR A 60 6.81 -6.30 2.41
CA TYR A 60 7.04 -6.37 3.85
C TYR A 60 5.90 -7.14 4.53
N THR A 61 6.05 -7.36 5.83
CA THR A 61 5.05 -8.08 6.61
C THR A 61 4.37 -7.15 7.62
N SER A 62 4.13 -5.92 7.21
CA SER A 62 3.48 -4.94 8.07
C SER A 62 1.97 -5.15 8.11
N TRP A 63 1.34 -5.07 6.94
CA TRP A 63 -0.10 -5.26 6.83
C TRP A 63 -0.45 -6.23 5.71
ZN ZN B . -3.12 -0.19 -3.07
ZN ZN C . 9.47 6.88 -3.08
N GLY A 1 -15.46 13.79 -0.40
CA GLY A 1 -15.72 12.55 0.30
C GLY A 1 -17.21 12.30 0.48
N SER A 2 -17.76 11.37 -0.29
CA SER A 2 -19.17 11.04 -0.20
C SER A 2 -19.42 9.97 0.86
N SER A 3 -18.81 8.81 0.65
CA SER A 3 -18.97 7.69 1.58
C SER A 3 -17.74 6.79 1.58
N GLY A 4 -17.47 6.16 2.71
CA GLY A 4 -16.32 5.27 2.81
C GLY A 4 -15.14 5.94 3.49
N SER A 5 -15.20 6.02 4.82
CA SER A 5 -14.13 6.63 5.60
C SER A 5 -12.97 5.66 5.79
N SER A 6 -13.25 4.53 6.42
CA SER A 6 -12.23 3.52 6.68
C SER A 6 -12.87 2.16 6.96
N GLY A 7 -12.14 1.09 6.67
CA GLY A 7 -12.65 -0.25 6.90
C GLY A 7 -11.78 -1.04 7.87
N VAL A 8 -12.25 -1.15 9.11
CA VAL A 8 -11.51 -1.89 10.13
C VAL A 8 -11.95 -3.35 10.18
N PHE A 9 -12.17 -3.94 9.01
CA PHE A 9 -12.58 -5.33 8.92
C PHE A 9 -11.46 -6.20 8.37
N HIS A 10 -11.02 -5.91 7.16
CA HIS A 10 -9.95 -6.66 6.52
C HIS A 10 -8.59 -6.23 7.06
N PRO A 11 -7.78 -7.21 7.48
CA PRO A 11 -6.45 -6.96 8.03
C PRO A 11 -5.47 -6.48 6.97
N VAL A 12 -5.96 -6.29 5.75
CA VAL A 12 -5.14 -5.82 4.64
C VAL A 12 -5.70 -4.55 4.02
N GLU A 13 -5.18 -3.41 4.46
CA GLU A 13 -5.65 -2.12 3.95
C GLU A 13 -4.47 -1.32 3.39
N CYS A 14 -4.62 -0.85 2.16
CA CYS A 14 -3.59 -0.07 1.50
C CYS A 14 -3.48 1.33 2.11
N SER A 15 -2.49 2.10 1.68
CA SER A 15 -2.28 3.44 2.18
C SER A 15 -2.72 4.47 1.15
N TYR A 16 -2.71 4.08 -0.12
CA TYR A 16 -3.11 4.98 -1.20
C TYR A 16 -4.55 4.73 -1.62
N CYS A 17 -4.86 3.47 -1.93
CA CYS A 17 -6.21 3.10 -2.34
C CYS A 17 -6.95 2.40 -1.21
N HIS A 18 -6.29 2.27 -0.06
CA HIS A 18 -6.89 1.62 1.10
C HIS A 18 -7.87 0.53 0.66
N SER A 19 -7.38 -0.40 -0.15
CA SER A 19 -8.22 -1.49 -0.64
C SER A 19 -8.34 -2.59 0.41
N GLU A 20 -9.34 -3.45 0.25
CA GLU A 20 -9.56 -4.56 1.18
C GLU A 20 -9.40 -5.89 0.48
N SER A 21 -9.84 -5.97 -0.77
CA SER A 21 -9.74 -7.20 -1.55
C SER A 21 -8.37 -7.84 -1.38
N MET A 22 -8.33 -9.16 -1.43
CA MET A 22 -7.07 -9.90 -1.29
C MET A 22 -6.38 -10.05 -2.64
N MET A 23 -6.26 -8.95 -3.37
CA MET A 23 -5.61 -8.97 -4.68
C MET A 23 -4.35 -8.11 -4.68
N GLY A 24 -3.57 -8.21 -3.59
CA GLY A 24 -2.35 -7.44 -3.49
C GLY A 24 -1.57 -7.78 -2.24
N PHE A 25 -0.54 -6.98 -1.96
CA PHE A 25 0.30 -7.20 -0.79
C PHE A 25 0.90 -5.90 -0.28
N ARG A 26 1.71 -5.97 0.77
CA ARG A 26 2.34 -4.80 1.34
C ARG A 26 3.63 -4.45 0.60
N TYR A 27 3.58 -3.39 -0.19
CA TYR A 27 4.74 -2.95 -0.96
C TYR A 27 5.17 -1.55 -0.54
N ARG A 28 6.30 -1.47 0.15
CA ARG A 28 6.84 -0.19 0.61
C ARG A 28 7.99 0.27 -0.27
N CYS A 29 7.94 1.54 -0.68
CA CYS A 29 8.98 2.10 -1.53
C CYS A 29 10.36 1.91 -0.91
N GLN A 30 11.40 1.96 -1.74
CA GLN A 30 12.76 1.79 -1.27
C GLN A 30 13.20 2.97 -0.39
N GLN A 31 13.47 4.11 -1.04
CA GLN A 31 13.89 5.30 -0.32
C GLN A 31 12.78 6.35 -0.31
N CYS A 32 12.12 6.49 0.84
CA CYS A 32 11.03 7.46 0.98
C CYS A 32 10.53 7.49 2.42
N HIS A 33 10.02 8.65 2.83
CA HIS A 33 9.50 8.81 4.18
C HIS A 33 8.39 7.81 4.47
N ASN A 34 7.21 8.06 3.91
CA ASN A 34 6.07 7.17 4.11
C ASN A 34 5.35 6.92 2.78
N TYR A 35 5.79 5.89 2.07
CA TYR A 35 5.19 5.54 0.79
C TYR A 35 4.86 4.05 0.73
N GLN A 36 3.59 3.72 0.91
CA GLN A 36 3.14 2.33 0.87
C GLN A 36 2.09 2.12 -0.22
N LEU A 37 2.17 0.99 -0.90
CA LEU A 37 1.22 0.67 -1.97
C LEU A 37 1.02 -0.84 -2.08
N CYS A 38 -0.02 -1.25 -2.79
CA CYS A 38 -0.31 -2.66 -2.98
C CYS A 38 -0.02 -3.09 -4.41
N GLN A 39 -0.05 -4.40 -4.65
CA GLN A 39 0.21 -4.95 -5.98
C GLN A 39 -0.45 -4.09 -7.06
N ASP A 40 -1.75 -3.84 -6.89
CA ASP A 40 -2.49 -3.03 -7.85
C ASP A 40 -1.85 -1.65 -8.03
N CYS A 41 -1.80 -0.90 -6.94
CA CYS A 41 -1.21 0.44 -6.97
C CYS A 41 0.04 0.46 -7.82
N PHE A 42 0.98 -0.43 -7.50
CA PHE A 42 2.24 -0.51 -8.25
C PHE A 42 1.99 -0.86 -9.70
N TRP A 43 1.24 -1.94 -9.94
CA TRP A 43 0.93 -2.38 -11.29
C TRP A 43 0.54 -1.19 -12.17
N ARG A 44 -0.24 -0.27 -11.61
CA ARG A 44 -0.69 0.91 -12.35
C ARG A 44 0.42 1.95 -12.40
N GLY A 45 1.13 2.11 -11.29
CA GLY A 45 2.20 3.08 -11.23
C GLY A 45 1.76 4.39 -10.61
N HIS A 46 2.11 4.59 -9.34
CA HIS A 46 1.74 5.81 -8.62
C HIS A 46 2.98 6.62 -8.24
N ALA A 47 2.81 7.92 -8.11
CA ALA A 47 3.92 8.80 -7.75
C ALA A 47 3.43 10.24 -7.54
N GLY A 48 4.37 11.13 -7.27
CA GLY A 48 4.02 12.53 -7.05
C GLY A 48 5.23 13.39 -6.76
N GLY A 49 5.00 14.69 -6.54
CA GLY A 49 6.08 15.60 -6.24
C GLY A 49 7.15 14.97 -5.37
N SER A 50 6.72 14.12 -4.44
CA SER A 50 7.64 13.47 -3.52
C SER A 50 8.18 12.18 -4.14
N HIS A 51 7.33 11.15 -4.18
CA HIS A 51 7.70 9.86 -4.74
C HIS A 51 7.87 9.96 -6.25
N SER A 52 8.91 9.29 -6.76
CA SER A 52 9.19 9.31 -8.20
C SER A 52 8.85 7.96 -8.82
N ASN A 53 8.17 8.00 -9.97
CA ASN A 53 7.78 6.79 -10.67
C ASN A 53 8.98 5.86 -10.85
N GLN A 54 10.18 6.42 -10.76
CA GLN A 54 11.41 5.65 -10.91
C GLN A 54 11.84 5.03 -9.57
N HIS A 55 10.87 4.86 -8.69
CA HIS A 55 11.14 4.28 -7.37
C HIS A 55 10.59 2.87 -7.27
N GLN A 56 11.48 1.91 -7.01
CA GLN A 56 11.07 0.51 -6.90
C GLN A 56 10.61 0.20 -5.48
N MET A 57 9.49 -0.51 -5.36
CA MET A 57 8.93 -0.88 -4.07
C MET A 57 9.35 -2.29 -3.68
N LYS A 58 9.29 -2.58 -2.38
CA LYS A 58 9.67 -3.89 -1.87
C LYS A 58 8.54 -4.51 -1.05
N GLU A 59 8.47 -5.83 -1.05
CA GLU A 59 7.43 -6.54 -0.32
C GLU A 59 7.84 -6.75 1.14
N TYR A 60 6.93 -6.46 2.06
CA TYR A 60 7.20 -6.61 3.49
C TYR A 60 6.05 -7.34 4.18
N THR A 61 6.41 -8.23 5.11
CA THR A 61 5.41 -8.99 5.85
C THR A 61 4.22 -8.12 6.22
N SER A 62 4.48 -6.99 6.86
CA SER A 62 3.43 -6.07 7.27
C SER A 62 4.00 -4.70 7.60
N TRP A 63 3.55 -3.69 6.86
CA TRP A 63 4.01 -2.32 7.07
C TRP A 63 4.15 -2.01 8.56
ZN ZN B . -3.29 0.19 -3.18
ZN ZN C . 9.71 6.53 -3.44
N GLY A 1 -19.45 4.32 4.72
CA GLY A 1 -19.50 4.55 6.16
C GLY A 1 -19.02 3.34 6.95
N SER A 2 -19.88 2.85 7.83
CA SER A 2 -19.54 1.70 8.66
C SER A 2 -18.25 1.94 9.44
N SER A 3 -18.12 3.15 9.98
CA SER A 3 -16.94 3.51 10.75
C SER A 3 -16.99 2.92 12.15
N GLY A 4 -15.89 3.06 12.88
CA GLY A 4 -15.83 2.55 14.24
C GLY A 4 -15.10 1.22 14.32
N SER A 5 -13.77 1.28 14.39
CA SER A 5 -12.95 0.08 14.46
C SER A 5 -11.96 0.17 15.62
N SER A 6 -12.36 -0.32 16.78
CA SER A 6 -11.51 -0.29 17.96
C SER A 6 -11.28 -1.70 18.51
N GLY A 7 -10.09 -2.23 18.27
CA GLY A 7 -9.76 -3.56 18.75
C GLY A 7 -8.31 -3.91 18.56
N VAL A 8 -7.93 -5.13 18.93
CA VAL A 8 -6.55 -5.58 18.81
C VAL A 8 -6.13 -5.68 17.34
N PHE A 9 -7.03 -6.23 16.52
CA PHE A 9 -6.77 -6.39 15.10
C PHE A 9 -6.61 -5.04 14.42
N HIS A 10 -5.93 -5.01 13.28
CA HIS A 10 -5.72 -3.78 12.53
C HIS A 10 -6.32 -3.89 11.13
N PRO A 11 -7.01 -2.81 10.70
CA PRO A 11 -7.64 -2.76 9.37
C PRO A 11 -6.62 -2.69 8.25
N VAL A 12 -6.62 -3.69 7.38
CA VAL A 12 -5.70 -3.73 6.25
C VAL A 12 -6.20 -2.87 5.10
N GLU A 13 -5.79 -1.60 5.09
CA GLU A 13 -6.19 -0.68 4.04
C GLU A 13 -4.98 0.01 3.41
N CYS A 14 -4.96 0.07 2.09
CA CYS A 14 -3.86 0.71 1.37
C CYS A 14 -3.75 2.18 1.73
N SER A 15 -2.75 2.84 1.17
CA SER A 15 -2.53 4.26 1.43
C SER A 15 -3.07 5.11 0.30
N TYR A 16 -3.03 4.58 -0.91
CA TYR A 16 -3.50 5.29 -2.09
C TYR A 16 -4.93 4.87 -2.43
N CYS A 17 -5.09 3.61 -2.84
CA CYS A 17 -6.39 3.08 -3.21
C CYS A 17 -7.19 2.69 -1.96
N HIS A 18 -6.65 3.04 -0.80
CA HIS A 18 -7.30 2.73 0.47
C HIS A 18 -8.01 1.37 0.39
N SER A 19 -7.30 0.37 -0.13
CA SER A 19 -7.86 -0.97 -0.26
C SER A 19 -8.53 -1.41 1.04
N GLU A 20 -9.16 -2.58 1.01
CA GLU A 20 -9.83 -3.12 2.18
C GLU A 20 -9.43 -4.57 2.43
N SER A 21 -9.25 -5.32 1.34
CA SER A 21 -8.87 -6.72 1.45
C SER A 21 -7.94 -6.95 2.63
N MET A 22 -8.01 -8.15 3.21
CA MET A 22 -7.17 -8.50 4.35
C MET A 22 -5.69 -8.30 4.03
N MET A 23 -4.83 -8.67 4.97
CA MET A 23 -3.39 -8.54 4.78
C MET A 23 -2.97 -9.03 3.40
N GLY A 24 -1.72 -8.79 3.05
CA GLY A 24 -1.22 -9.22 1.76
C GLY A 24 -1.13 -8.08 0.76
N PHE A 25 -0.16 -8.15 -0.15
CA PHE A 25 0.03 -7.13 -1.16
C PHE A 25 0.58 -5.85 -0.54
N ARG A 26 1.60 -6.01 0.31
CA ARG A 26 2.22 -4.86 0.97
C ARG A 26 3.59 -4.55 0.35
N TYR A 27 3.65 -3.45 -0.39
CA TYR A 27 4.88 -3.04 -1.05
C TYR A 27 5.26 -1.62 -0.66
N ARG A 28 6.28 -1.48 0.18
CA ARG A 28 6.74 -0.18 0.62
C ARG A 28 7.95 0.28 -0.18
N CYS A 29 7.87 1.49 -0.72
CA CYS A 29 8.96 2.04 -1.52
C CYS A 29 10.31 1.79 -0.84
N GLN A 30 11.38 1.88 -1.63
CA GLN A 30 12.72 1.66 -1.11
C GLN A 30 13.16 2.82 -0.22
N GLN A 31 13.46 3.95 -0.83
CA GLN A 31 13.89 5.13 -0.09
C GLN A 31 12.80 6.20 -0.09
N CYS A 32 12.12 6.34 1.05
CA CYS A 32 11.06 7.33 1.18
C CYS A 32 10.52 7.36 2.61
N HIS A 33 10.00 8.52 3.01
CA HIS A 33 9.45 8.68 4.35
C HIS A 33 8.31 7.71 4.59
N ASN A 34 7.16 7.99 3.99
CA ASN A 34 5.98 7.15 4.14
C ASN A 34 5.31 6.91 2.79
N TYR A 35 5.76 5.88 2.09
CA TYR A 35 5.21 5.54 0.78
C TYR A 35 4.94 4.04 0.68
N GLN A 36 3.68 3.67 0.80
CA GLN A 36 3.28 2.27 0.72
C GLN A 36 2.23 2.06 -0.37
N LEU A 37 2.37 0.98 -1.13
CA LEU A 37 1.44 0.67 -2.20
C LEU A 37 1.19 -0.84 -2.27
N CYS A 38 0.05 -1.21 -2.87
CA CYS A 38 -0.31 -2.62 -3.01
C CYS A 38 -0.11 -3.09 -4.45
N GLN A 39 -0.13 -4.40 -4.63
CA GLN A 39 0.05 -4.98 -5.96
C GLN A 39 -0.59 -4.12 -7.03
N ASP A 40 -1.86 -3.78 -6.83
CA ASP A 40 -2.60 -2.95 -7.78
C ASP A 40 -1.90 -1.62 -7.98
N CYS A 41 -1.85 -0.81 -6.93
CA CYS A 41 -1.21 0.50 -6.99
C CYS A 41 0.11 0.42 -7.76
N PHE A 42 0.92 -0.56 -7.41
CA PHE A 42 2.21 -0.74 -8.07
C PHE A 42 2.04 -1.02 -9.56
N TRP A 43 1.16 -1.97 -9.88
CA TRP A 43 0.89 -2.33 -11.26
C TRP A 43 0.51 -1.10 -12.08
N ARG A 44 -0.37 -0.28 -11.53
CA ARG A 44 -0.82 0.92 -12.21
C ARG A 44 0.31 1.95 -12.29
N GLY A 45 1.10 2.03 -11.23
CA GLY A 45 2.20 2.98 -11.20
C GLY A 45 1.81 4.30 -10.57
N HIS A 46 2.27 4.54 -9.35
CA HIS A 46 1.95 5.76 -8.64
C HIS A 46 3.22 6.53 -8.29
N ALA A 47 3.13 7.86 -8.24
CA ALA A 47 4.27 8.69 -7.91
C ALA A 47 3.86 10.16 -7.78
N GLY A 48 4.84 11.01 -7.51
CA GLY A 48 4.56 12.43 -7.36
C GLY A 48 5.80 13.25 -7.07
N GLY A 49 5.65 14.56 -6.99
CA GLY A 49 6.77 15.43 -6.71
C GLY A 49 7.73 14.84 -5.70
N SER A 50 7.18 14.15 -4.70
CA SER A 50 7.99 13.54 -3.66
C SER A 50 8.56 12.19 -4.13
N HIS A 51 7.67 11.23 -4.32
CA HIS A 51 8.08 9.90 -4.77
C HIS A 51 8.33 9.89 -6.28
N SER A 52 9.48 9.33 -6.68
CA SER A 52 9.84 9.26 -8.09
C SER A 52 9.48 7.90 -8.68
N ASN A 53 8.96 7.91 -9.90
CA ASN A 53 8.58 6.68 -10.58
C ASN A 53 9.75 5.70 -10.63
N GLN A 54 10.96 6.23 -10.49
CA GLN A 54 12.17 5.41 -10.53
C GLN A 54 12.47 4.81 -9.16
N HIS A 55 11.43 4.68 -8.33
CA HIS A 55 11.58 4.12 -7.00
C HIS A 55 10.97 2.72 -6.93
N GLN A 56 11.80 1.74 -6.60
CA GLN A 56 11.34 0.36 -6.50
C GLN A 56 10.66 0.11 -5.16
N MET A 57 9.60 -0.68 -5.19
CA MET A 57 8.85 -1.00 -3.98
C MET A 57 9.24 -2.37 -3.44
N LYS A 58 9.59 -2.41 -2.15
CA LYS A 58 10.00 -3.66 -1.52
C LYS A 58 8.83 -4.27 -0.73
N GLU A 59 8.56 -5.54 -1.01
CA GLU A 59 7.48 -6.24 -0.32
C GLU A 59 7.83 -6.53 1.13
N TYR A 60 6.85 -6.41 2.01
CA TYR A 60 7.07 -6.65 3.43
C TYR A 60 5.88 -7.40 4.04
N THR A 61 6.12 -8.06 5.17
CA THR A 61 5.07 -8.81 5.85
C THR A 61 4.00 -7.88 6.40
N SER A 62 4.43 -6.87 7.16
CA SER A 62 3.50 -5.91 7.74
C SER A 62 4.05 -4.48 7.63
N TRP A 63 3.16 -3.50 7.66
CA TRP A 63 3.54 -2.11 7.56
C TRP A 63 3.84 -1.52 8.93
ZN ZN B . -3.34 0.12 -3.25
ZN ZN C . 9.87 6.51 -3.29
N GLY A 1 -20.36 -7.56 -3.14
CA GLY A 1 -20.71 -7.29 -1.76
C GLY A 1 -20.61 -8.52 -0.88
N SER A 2 -19.71 -8.47 0.09
CA SER A 2 -19.50 -9.60 1.00
C SER A 2 -18.64 -9.19 2.20
N SER A 3 -19.10 -9.54 3.39
CA SER A 3 -18.38 -9.20 4.61
C SER A 3 -18.69 -10.20 5.73
N GLY A 4 -18.01 -10.04 6.86
CA GLY A 4 -18.25 -10.94 7.98
C GLY A 4 -17.64 -10.40 9.27
N SER A 5 -18.48 -10.23 10.28
CA SER A 5 -18.03 -9.72 11.57
C SER A 5 -17.46 -10.84 12.44
N SER A 6 -16.18 -11.13 12.25
CA SER A 6 -15.52 -12.19 13.01
C SER A 6 -14.38 -11.62 13.86
N GLY A 7 -13.43 -10.96 13.20
CA GLY A 7 -12.30 -10.37 13.91
C GLY A 7 -11.01 -10.48 13.12
N VAL A 8 -11.05 -9.97 11.88
CA VAL A 8 -9.87 -10.01 11.02
C VAL A 8 -8.64 -9.44 11.74
N PHE A 9 -7.51 -10.11 11.57
CA PHE A 9 -6.26 -9.67 12.19
C PHE A 9 -6.05 -8.18 12.00
N HIS A 10 -6.17 -7.73 10.75
CA HIS A 10 -5.99 -6.32 10.43
C HIS A 10 -6.73 -5.95 9.15
N PRO A 11 -7.31 -4.73 9.12
CA PRO A 11 -8.04 -4.24 7.96
C PRO A 11 -7.14 -3.96 6.77
N VAL A 12 -7.24 -4.79 5.74
CA VAL A 12 -6.44 -4.63 4.55
C VAL A 12 -6.70 -3.28 3.88
N GLU A 13 -5.83 -2.31 4.16
CA GLU A 13 -5.96 -0.99 3.60
C GLU A 13 -4.70 -0.58 2.84
N CYS A 14 -4.77 0.54 2.14
CA CYS A 14 -3.63 1.04 1.36
C CYS A 14 -3.34 2.50 1.72
N SER A 15 -2.39 3.09 1.00
CA SER A 15 -2.00 4.47 1.23
C SER A 15 -2.75 5.41 0.28
N TYR A 16 -2.90 4.98 -0.97
CA TYR A 16 -3.59 5.78 -1.97
C TYR A 16 -4.99 5.23 -2.23
N CYS A 17 -5.06 4.10 -2.93
CA CYS A 17 -6.33 3.47 -3.26
C CYS A 17 -7.13 3.18 -1.99
N HIS A 18 -6.44 3.16 -0.85
CA HIS A 18 -7.08 2.90 0.43
C HIS A 18 -8.25 1.92 0.26
N SER A 19 -8.02 0.85 -0.50
CA SER A 19 -9.04 -0.15 -0.74
C SER A 19 -9.47 -0.82 0.56
N GLU A 20 -10.44 -1.72 0.47
CA GLU A 20 -10.95 -2.43 1.64
C GLU A 20 -11.00 -3.93 1.39
N SER A 21 -11.46 -4.31 0.20
CA SER A 21 -11.57 -5.72 -0.16
C SER A 21 -10.37 -6.50 0.35
N MET A 22 -10.63 -7.48 1.21
CA MET A 22 -9.57 -8.30 1.78
C MET A 22 -8.55 -8.68 0.70
N MET A 23 -7.32 -8.20 0.87
CA MET A 23 -6.25 -8.49 -0.07
C MET A 23 -4.92 -8.70 0.64
N GLY A 24 -4.01 -9.41 -0.01
CA GLY A 24 -2.70 -9.67 0.59
C GLY A 24 -1.57 -9.15 -0.26
N PHE A 25 -1.22 -7.89 -0.08
CA PHE A 25 -0.13 -7.27 -0.84
C PHE A 25 0.38 -6.01 -0.14
N ARG A 26 1.67 -6.03 0.22
CA ARG A 26 2.28 -4.89 0.90
C ARG A 26 3.61 -4.54 0.25
N TYR A 27 3.64 -3.41 -0.45
CA TYR A 27 4.85 -2.96 -1.12
C TYR A 27 5.28 -1.59 -0.60
N ARG A 28 6.39 -1.56 0.12
CA ARG A 28 6.90 -0.32 0.68
C ARG A 28 8.03 0.24 -0.19
N CYS A 29 7.91 1.50 -0.60
CA CYS A 29 8.91 2.14 -1.42
C CYS A 29 10.31 1.95 -0.83
N GLN A 30 11.32 2.18 -1.65
CA GLN A 30 12.71 2.03 -1.21
C GLN A 30 13.11 3.17 -0.27
N GLN A 31 13.31 4.35 -0.84
CA GLN A 31 13.69 5.52 -0.04
C GLN A 31 12.53 6.51 0.05
N CYS A 32 11.89 6.56 1.20
CA CYS A 32 10.78 7.47 1.43
C CYS A 32 10.30 7.41 2.88
N HIS A 33 9.66 8.49 3.32
CA HIS A 33 9.16 8.56 4.69
C HIS A 33 8.03 7.56 4.91
N ASN A 34 6.87 7.84 4.31
CA ASN A 34 5.71 6.98 4.43
C ASN A 34 5.06 6.73 3.08
N TYR A 35 5.56 5.73 2.36
CA TYR A 35 5.03 5.40 1.04
C TYR A 35 4.82 3.89 0.91
N GLN A 36 3.56 3.47 1.03
CA GLN A 36 3.22 2.05 0.92
C GLN A 36 2.12 1.84 -0.11
N LEU A 37 2.42 1.04 -1.13
CA LEU A 37 1.47 0.76 -2.19
C LEU A 37 1.15 -0.73 -2.25
N CYS A 38 -0.01 -1.07 -2.79
CA CYS A 38 -0.43 -2.46 -2.91
C CYS A 38 -0.19 -2.98 -4.34
N GLN A 39 -0.25 -4.30 -4.49
CA GLN A 39 -0.04 -4.92 -5.79
C GLN A 39 -0.61 -4.05 -6.90
N ASP A 40 -1.91 -3.79 -6.85
CA ASP A 40 -2.58 -2.98 -7.85
C ASP A 40 -1.88 -1.63 -8.01
N CYS A 41 -1.92 -0.82 -6.96
CA CYS A 41 -1.29 0.49 -6.99
C CYS A 41 0.02 0.45 -7.76
N PHE A 42 0.87 -0.51 -7.42
CA PHE A 42 2.17 -0.66 -8.08
C PHE A 42 1.98 -0.99 -9.55
N TRP A 43 1.18 -2.01 -9.84
CA TRP A 43 0.93 -2.44 -11.21
C TRP A 43 0.64 -1.23 -12.10
N ARG A 44 -0.19 -0.32 -11.60
CA ARG A 44 -0.54 0.87 -12.35
C ARG A 44 0.55 1.93 -12.26
N GLY A 45 1.14 2.06 -11.07
CA GLY A 45 2.20 3.03 -10.87
C GLY A 45 1.70 4.31 -10.23
N HIS A 46 2.19 4.58 -9.03
CA HIS A 46 1.78 5.79 -8.29
C HIS A 46 3.00 6.62 -7.91
N ALA A 47 2.79 7.94 -7.82
CA ALA A 47 3.87 8.85 -7.45
C ALA A 47 3.36 10.28 -7.31
N GLY A 48 4.28 11.21 -7.05
CA GLY A 48 3.90 12.59 -6.89
C GLY A 48 5.08 13.49 -6.61
N GLY A 49 4.83 14.78 -6.45
CA GLY A 49 5.89 15.73 -6.18
C GLY A 49 6.94 15.16 -5.24
N SER A 50 6.53 14.24 -4.37
CA SER A 50 7.45 13.62 -3.42
C SER A 50 8.00 12.32 -3.97
N HIS A 51 7.18 11.28 -3.97
CA HIS A 51 7.59 9.97 -4.47
C HIS A 51 7.88 10.03 -5.98
N SER A 52 8.74 9.13 -6.44
CA SER A 52 9.10 9.09 -7.85
C SER A 52 8.72 7.75 -8.47
N ASN A 53 8.17 7.79 -9.67
CA ASN A 53 7.76 6.58 -10.38
C ASN A 53 8.91 5.58 -10.45
N GLN A 54 10.13 6.09 -10.42
CA GLN A 54 11.31 5.24 -10.48
C GLN A 54 11.52 4.49 -9.17
N HIS A 55 11.17 5.13 -8.06
CA HIS A 55 11.31 4.52 -6.75
C HIS A 55 10.71 3.12 -6.73
N GLN A 56 11.55 2.13 -6.46
CA GLN A 56 11.11 0.75 -6.42
C GLN A 56 10.34 0.46 -5.13
N MET A 57 9.51 -0.58 -5.16
CA MET A 57 8.72 -0.97 -3.99
C MET A 57 9.05 -2.38 -3.56
N LYS A 58 9.53 -2.53 -2.33
CA LYS A 58 9.88 -3.84 -1.78
C LYS A 58 8.72 -4.42 -0.98
N GLU A 59 8.55 -5.74 -1.05
CA GLU A 59 7.49 -6.42 -0.33
C GLU A 59 7.82 -6.53 1.15
N TYR A 60 6.87 -6.15 2.00
CA TYR A 60 7.07 -6.21 3.44
C TYR A 60 6.00 -7.09 4.10
N THR A 61 6.13 -7.27 5.42
CA THR A 61 5.18 -8.09 6.16
C THR A 61 3.78 -7.50 6.10
N SER A 62 3.62 -6.32 6.68
CA SER A 62 2.33 -5.64 6.69
C SER A 62 2.45 -4.23 7.28
N TRP A 63 1.47 -3.39 6.98
CA TRP A 63 1.47 -2.02 7.48
C TRP A 63 0.07 -1.40 7.38
ZN ZN B . -3.38 0.41 -3.27
ZN ZN C . 9.56 6.70 -3.02
N GLY A 1 -22.78 -2.66 1.70
CA GLY A 1 -22.29 -2.25 3.00
C GLY A 1 -21.24 -3.19 3.55
N SER A 2 -21.00 -3.11 4.86
CA SER A 2 -20.01 -3.96 5.51
C SER A 2 -20.56 -4.56 6.79
N SER A 3 -19.79 -5.45 7.40
CA SER A 3 -20.20 -6.11 8.64
C SER A 3 -19.41 -5.58 9.83
N GLY A 4 -18.10 -5.58 9.70
CA GLY A 4 -17.24 -5.08 10.78
C GLY A 4 -17.42 -5.88 12.05
N SER A 5 -16.38 -5.89 12.89
CA SER A 5 -16.41 -6.63 14.14
C SER A 5 -15.16 -6.35 14.97
N SER A 6 -15.36 -6.17 16.27
CA SER A 6 -14.24 -5.89 17.18
C SER A 6 -13.41 -7.14 17.41
N GLY A 7 -12.41 -7.36 16.55
CA GLY A 7 -11.55 -8.51 16.67
C GLY A 7 -10.27 -8.38 15.86
N VAL A 8 -10.41 -7.91 14.63
CA VAL A 8 -9.26 -7.73 13.74
C VAL A 8 -8.10 -7.07 14.49
N PHE A 9 -6.95 -7.74 14.50
CA PHE A 9 -5.77 -7.22 15.17
C PHE A 9 -4.96 -6.33 14.24
N HIS A 10 -4.74 -6.81 13.01
CA HIS A 10 -3.99 -6.05 12.02
C HIS A 10 -4.76 -5.93 10.71
N PRO A 11 -5.41 -4.76 10.52
CA PRO A 11 -6.20 -4.50 9.31
C PRO A 11 -5.33 -4.35 8.07
N VAL A 12 -5.68 -5.09 7.01
CA VAL A 12 -4.93 -5.04 5.77
C VAL A 12 -5.58 -4.08 4.78
N GLU A 13 -5.27 -2.79 4.91
CA GLU A 13 -5.83 -1.78 4.04
C GLU A 13 -4.73 -0.91 3.43
N CYS A 14 -4.87 -0.58 2.16
CA CYS A 14 -3.89 0.24 1.46
C CYS A 14 -3.93 1.67 1.94
N SER A 15 -3.05 2.51 1.39
CA SER A 15 -2.99 3.91 1.78
C SER A 15 -3.55 4.80 0.68
N TYR A 16 -3.33 4.41 -0.56
CA TYR A 16 -3.81 5.17 -1.71
C TYR A 16 -5.20 4.71 -2.12
N CYS A 17 -5.31 3.44 -2.50
CA CYS A 17 -6.59 2.87 -2.93
C CYS A 17 -7.32 2.26 -1.74
N HIS A 18 -6.79 2.48 -0.54
CA HIS A 18 -7.40 1.94 0.68
C HIS A 18 -8.03 0.58 0.41
N SER A 19 -7.31 -0.28 -0.29
CA SER A 19 -7.81 -1.61 -0.62
C SER A 19 -8.32 -2.32 0.64
N GLU A 20 -8.90 -3.50 0.44
CA GLU A 20 -9.43 -4.27 1.55
C GLU A 20 -8.91 -5.71 1.51
N SER A 21 -8.76 -6.24 0.30
CA SER A 21 -8.28 -7.61 0.12
C SER A 21 -7.08 -7.88 1.03
N MET A 22 -7.24 -8.87 1.92
CA MET A 22 -6.18 -9.23 2.85
C MET A 22 -5.59 -10.59 2.49
N MET A 23 -4.63 -10.59 1.56
CA MET A 23 -3.98 -11.82 1.13
C MET A 23 -2.47 -11.72 1.27
N GLY A 24 -1.91 -10.61 0.80
CA GLY A 24 -0.47 -10.40 0.88
C GLY A 24 0.04 -9.47 -0.19
N PHE A 25 -0.46 -8.24 -0.19
CA PHE A 25 -0.05 -7.24 -1.18
C PHE A 25 0.42 -5.96 -0.49
N ARG A 26 1.63 -6.00 0.05
CA ARG A 26 2.20 -4.85 0.73
C ARG A 26 3.62 -4.58 0.26
N TYR A 27 3.80 -3.47 -0.46
CA TYR A 27 5.12 -3.11 -0.97
C TYR A 27 5.48 -1.69 -0.56
N ARG A 28 6.59 -1.56 0.17
CA ARG A 28 7.06 -0.26 0.64
C ARG A 28 8.13 0.29 -0.29
N CYS A 29 8.01 1.57 -0.63
CA CYS A 29 8.97 2.21 -1.51
C CYS A 29 10.40 2.08 -0.96
N GLN A 30 11.38 2.31 -1.83
CA GLN A 30 12.78 2.19 -1.43
C GLN A 30 13.16 3.33 -0.48
N GLN A 31 13.32 4.53 -1.04
CA GLN A 31 13.69 5.70 -0.24
C GLN A 31 12.52 6.67 -0.12
N CYS A 32 11.89 6.68 1.06
CA CYS A 32 10.76 7.56 1.30
C CYS A 32 10.32 7.49 2.76
N HIS A 33 9.55 8.49 3.19
CA HIS A 33 9.08 8.54 4.57
C HIS A 33 8.01 7.47 4.81
N ASN A 34 6.82 7.69 4.25
CA ASN A 34 5.72 6.74 4.40
C ASN A 34 5.03 6.50 3.07
N TYR A 35 5.52 5.50 2.33
CA TYR A 35 4.94 5.15 1.03
C TYR A 35 4.74 3.64 0.91
N GLN A 36 3.50 3.20 1.07
CA GLN A 36 3.17 1.79 0.98
C GLN A 36 2.07 1.55 -0.05
N LEU A 37 2.42 0.89 -1.15
CA LEU A 37 1.46 0.61 -2.20
C LEU A 37 1.26 -0.90 -2.35
N CYS A 38 0.09 -1.29 -2.85
CA CYS A 38 -0.23 -2.69 -3.06
C CYS A 38 0.01 -3.10 -4.51
N GLN A 39 -0.02 -4.41 -4.75
CA GLN A 39 0.20 -4.94 -6.10
C GLN A 39 -0.50 -4.08 -7.14
N ASP A 40 -1.79 -3.85 -6.94
CA ASP A 40 -2.58 -3.04 -7.87
C ASP A 40 -1.98 -1.65 -8.01
N CYS A 41 -1.88 -0.94 -6.90
CA CYS A 41 -1.33 0.41 -6.91
C CYS A 41 -0.05 0.48 -7.74
N PHE A 42 0.89 -0.41 -7.45
CA PHE A 42 2.15 -0.45 -8.17
C PHE A 42 1.92 -0.75 -9.66
N TRP A 43 1.24 -1.86 -9.93
CA TRP A 43 0.96 -2.26 -11.31
C TRP A 43 0.51 -1.06 -12.13
N ARG A 44 -0.32 -0.22 -11.54
CA ARG A 44 -0.82 0.97 -12.22
C ARG A 44 0.24 2.08 -12.26
N GLY A 45 0.99 2.20 -11.16
CA GLY A 45 2.02 3.21 -11.08
C GLY A 45 1.54 4.48 -10.40
N HIS A 46 1.87 4.63 -9.13
CA HIS A 46 1.46 5.81 -8.37
C HIS A 46 2.68 6.63 -7.95
N ALA A 47 2.49 7.94 -7.85
CA ALA A 47 3.58 8.84 -7.46
C ALA A 47 3.07 10.27 -7.27
N GLY A 48 3.98 11.17 -6.95
CA GLY A 48 3.61 12.56 -6.76
C GLY A 48 4.80 13.43 -6.40
N GLY A 49 4.54 14.73 -6.20
CA GLY A 49 5.61 15.64 -5.85
C GLY A 49 6.58 15.05 -4.87
N SER A 50 6.10 14.18 -3.99
CA SER A 50 6.93 13.54 -2.99
C SER A 50 7.55 12.25 -3.54
N HIS A 51 6.72 11.24 -3.73
CA HIS A 51 7.19 9.96 -4.25
C HIS A 51 7.44 10.04 -5.76
N SER A 52 8.52 9.41 -6.20
CA SER A 52 8.87 9.42 -7.62
C SER A 52 8.49 8.09 -8.28
N ASN A 53 7.88 8.17 -9.45
CA ASN A 53 7.47 6.99 -10.19
C ASN A 53 8.65 6.03 -10.37
N GLN A 54 9.86 6.58 -10.35
CA GLN A 54 11.06 5.78 -10.52
C GLN A 54 11.51 5.17 -9.19
N HIS A 55 10.55 4.99 -8.28
CA HIS A 55 10.84 4.41 -6.97
C HIS A 55 10.31 2.98 -6.87
N GLN A 56 11.22 2.04 -6.65
CA GLN A 56 10.83 0.63 -6.54
C GLN A 56 10.13 0.37 -5.22
N MET A 57 9.38 -0.73 -5.15
CA MET A 57 8.66 -1.11 -3.95
C MET A 57 8.96 -2.55 -3.56
N LYS A 58 9.43 -2.73 -2.32
CA LYS A 58 9.76 -4.07 -1.82
C LYS A 58 8.66 -4.59 -0.90
N GLU A 59 8.44 -5.89 -0.93
CA GLU A 59 7.42 -6.52 -0.10
C GLU A 59 7.80 -6.46 1.37
N TYR A 60 6.88 -6.02 2.22
CA TYR A 60 7.12 -5.91 3.65
C TYR A 60 5.82 -6.09 4.44
N THR A 61 5.71 -7.22 5.13
CA THR A 61 4.51 -7.51 5.92
C THR A 61 4.46 -6.63 7.17
N SER A 62 4.07 -5.37 6.97
CA SER A 62 3.98 -4.44 8.08
C SER A 62 2.67 -3.65 8.03
N TRP A 63 1.64 -4.27 7.45
CA TRP A 63 0.33 -3.64 7.34
C TRP A 63 -0.04 -2.91 8.62
ZN ZN B . -3.42 0.04 -3.24
ZN ZN C . 9.32 6.84 -3.11
N GLY A 1 -2.29 7.96 17.94
CA GLY A 1 -2.89 7.83 19.25
C GLY A 1 -2.46 6.56 19.96
N SER A 2 -3.35 5.56 19.98
CA SER A 2 -3.06 4.29 20.63
C SER A 2 -3.62 3.13 19.82
N SER A 3 -2.74 2.23 19.39
CA SER A 3 -3.16 1.09 18.60
C SER A 3 -2.14 -0.05 18.73
N GLY A 4 -2.60 -1.20 19.18
CA GLY A 4 -1.72 -2.35 19.35
C GLY A 4 -2.28 -3.39 20.29
N SER A 5 -2.80 -4.47 19.72
CA SER A 5 -3.38 -5.56 20.52
C SER A 5 -3.14 -6.91 19.86
N SER A 6 -3.20 -7.97 20.67
CA SER A 6 -2.98 -9.32 20.16
C SER A 6 -4.13 -9.75 19.24
N GLY A 7 -3.99 -10.95 18.68
CA GLY A 7 -5.01 -11.46 17.79
C GLY A 7 -4.45 -12.40 16.74
N VAL A 8 -5.26 -12.69 15.72
CA VAL A 8 -4.84 -13.59 14.65
C VAL A 8 -4.90 -12.89 13.29
N PHE A 9 -5.97 -12.14 13.07
CA PHE A 9 -6.15 -11.42 11.82
C PHE A 9 -5.19 -10.25 11.71
N HIS A 10 -4.75 -9.95 10.50
CA HIS A 10 -3.82 -8.85 10.26
C HIS A 10 -4.48 -7.75 9.44
N PRO A 11 -4.08 -6.49 9.69
CA PRO A 11 -4.62 -5.33 8.99
C PRO A 11 -4.18 -5.27 7.52
N VAL A 12 -4.97 -5.88 6.65
CA VAL A 12 -4.66 -5.91 5.22
C VAL A 12 -5.29 -4.73 4.51
N GLU A 13 -4.66 -3.56 4.61
CA GLU A 13 -5.16 -2.35 3.97
C GLU A 13 -4.02 -1.56 3.35
N CYS A 14 -4.33 -0.81 2.30
CA CYS A 14 -3.34 0.01 1.62
C CYS A 14 -3.19 1.37 2.28
N SER A 15 -2.26 2.18 1.78
CA SER A 15 -2.03 3.51 2.33
C SER A 15 -2.86 4.56 1.60
N TYR A 16 -2.77 4.55 0.27
CA TYR A 16 -3.50 5.50 -0.56
C TYR A 16 -4.89 4.98 -0.89
N CYS A 17 -4.95 3.98 -1.76
CA CYS A 17 -6.22 3.38 -2.16
C CYS A 17 -6.89 2.67 -0.98
N HIS A 18 -6.11 2.44 0.08
CA HIS A 18 -6.62 1.78 1.26
C HIS A 18 -7.65 0.72 0.89
N SER A 19 -7.27 -0.20 0.02
CA SER A 19 -8.15 -1.27 -0.43
C SER A 19 -8.41 -2.27 0.69
N GLU A 20 -9.19 -3.30 0.39
CA GLU A 20 -9.51 -4.32 1.38
C GLU A 20 -9.30 -5.72 0.79
N SER A 21 -9.49 -5.84 -0.52
CA SER A 21 -9.34 -7.13 -1.19
C SER A 21 -8.23 -7.95 -0.55
N MET A 22 -8.35 -9.27 -0.63
CA MET A 22 -7.37 -10.18 -0.05
C MET A 22 -6.45 -10.74 -1.14
N MET A 23 -5.93 -9.86 -1.98
CA MET A 23 -5.04 -10.27 -3.06
C MET A 23 -3.77 -9.43 -3.06
N GLY A 24 -3.92 -8.13 -2.83
CA GLY A 24 -2.77 -7.24 -2.81
C GLY A 24 -1.74 -7.65 -1.77
N PHE A 25 -0.73 -6.80 -1.59
CA PHE A 25 0.33 -7.08 -0.62
C PHE A 25 0.99 -5.78 -0.15
N ARG A 26 1.76 -5.87 0.93
CA ARG A 26 2.44 -4.71 1.48
C ARG A 26 3.70 -4.40 0.69
N TYR A 27 3.66 -3.33 -0.10
CA TYR A 27 4.80 -2.93 -0.91
C TYR A 27 5.27 -1.52 -0.53
N ARG A 28 6.34 -1.47 0.26
CA ARG A 28 6.89 -0.19 0.70
C ARG A 28 8.02 0.26 -0.23
N CYS A 29 7.88 1.45 -0.78
CA CYS A 29 8.87 2.00 -1.69
C CYS A 29 10.28 1.74 -1.16
N GLN A 30 11.27 1.88 -2.04
CA GLN A 30 12.67 1.65 -1.67
C GLN A 30 13.16 2.75 -0.74
N GLN A 31 13.41 3.93 -1.30
CA GLN A 31 13.89 5.07 -0.51
C GLN A 31 12.80 6.11 -0.36
N CYS A 32 12.21 6.18 0.84
CA CYS A 32 11.15 7.14 1.12
C CYS A 32 10.77 7.11 2.59
N HIS A 33 10.10 8.17 3.05
CA HIS A 33 9.68 8.27 4.44
C HIS A 33 8.51 7.33 4.72
N ASN A 34 7.34 7.67 4.17
CA ASN A 34 6.15 6.86 4.35
C ASN A 34 5.41 6.66 3.03
N TYR A 35 5.83 5.64 2.28
CA TYR A 35 5.23 5.34 0.99
C TYR A 35 4.91 3.85 0.86
N GLN A 36 3.65 3.50 1.04
CA GLN A 36 3.23 2.11 0.95
C GLN A 36 2.14 1.94 -0.10
N LEU A 37 2.22 0.84 -0.85
CA LEU A 37 1.23 0.56 -1.89
C LEU A 37 1.00 -0.94 -2.04
N CYS A 38 -0.03 -1.31 -2.78
CA CYS A 38 -0.36 -2.72 -3.01
C CYS A 38 -0.03 -3.13 -4.43
N GLN A 39 -0.16 -4.42 -4.72
CA GLN A 39 0.12 -4.94 -6.05
C GLN A 39 -0.45 -4.03 -7.13
N ASP A 40 -1.77 -3.85 -7.10
CA ASP A 40 -2.44 -3.00 -8.08
C ASP A 40 -1.79 -1.62 -8.15
N CYS A 41 -1.87 -0.89 -7.05
CA CYS A 41 -1.28 0.45 -6.97
C CYS A 41 0.01 0.52 -7.79
N PHE A 42 0.89 -0.45 -7.57
CA PHE A 42 2.16 -0.49 -8.28
C PHE A 42 1.95 -0.82 -9.76
N TRP A 43 1.20 -1.88 -10.01
CA TRP A 43 0.92 -2.30 -11.39
C TRP A 43 0.59 -1.10 -12.27
N ARG A 44 -0.22 -0.20 -11.73
CA ARG A 44 -0.62 1.00 -12.47
C ARG A 44 0.47 2.07 -12.40
N GLY A 45 1.10 2.19 -11.24
CA GLY A 45 2.16 3.18 -11.07
C GLY A 45 1.66 4.45 -10.39
N HIS A 46 2.13 4.68 -9.17
CA HIS A 46 1.73 5.86 -8.42
C HIS A 46 2.94 6.69 -8.03
N ALA A 47 2.71 7.98 -7.78
CA ALA A 47 3.80 8.88 -7.40
C ALA A 47 3.26 10.27 -7.06
N GLY A 48 4.16 11.20 -6.76
CA GLY A 48 3.76 12.55 -6.43
C GLY A 48 4.94 13.44 -6.13
N GLY A 49 4.66 14.71 -5.81
CA GLY A 49 5.72 15.66 -5.51
C GLY A 49 6.85 15.02 -4.72
N SER A 50 6.49 14.11 -3.81
CA SER A 50 7.48 13.44 -2.98
C SER A 50 8.01 12.19 -3.68
N HIS A 51 7.20 11.13 -3.68
CA HIS A 51 7.59 9.88 -4.31
C HIS A 51 7.76 10.05 -5.82
N SER A 52 8.71 9.32 -6.39
CA SER A 52 8.98 9.40 -7.82
C SER A 52 8.55 8.11 -8.53
N ASN A 53 8.18 8.25 -9.80
CA ASN A 53 7.75 7.10 -10.58
C ASN A 53 8.89 6.10 -10.78
N GLN A 54 10.12 6.58 -10.61
CA GLN A 54 11.29 5.74 -10.75
C GLN A 54 11.68 5.10 -9.42
N HIS A 55 10.71 4.98 -8.52
CA HIS A 55 10.95 4.38 -7.22
C HIS A 55 10.36 2.97 -7.15
N GLN A 56 11.20 2.00 -6.87
CA GLN A 56 10.76 0.60 -6.77
C GLN A 56 10.14 0.33 -5.41
N MET A 57 9.27 -0.68 -5.35
CA MET A 57 8.60 -1.05 -4.11
C MET A 57 9.02 -2.45 -3.67
N LYS A 58 9.32 -2.59 -2.38
CA LYS A 58 9.73 -3.86 -1.82
C LYS A 58 8.64 -4.44 -0.91
N GLU A 59 8.43 -5.75 -1.01
CA GLU A 59 7.42 -6.42 -0.20
C GLU A 59 7.88 -6.55 1.24
N TYR A 60 6.97 -6.31 2.18
CA TYR A 60 7.28 -6.40 3.60
C TYR A 60 6.38 -7.42 4.29
N THR A 61 5.14 -7.02 4.53
CA THR A 61 4.18 -7.91 5.18
C THR A 61 3.69 -9.00 4.24
N SER A 62 3.35 -8.60 3.01
CA SER A 62 2.86 -9.54 2.02
C SER A 62 1.54 -10.18 2.46
N TRP A 63 0.58 -9.34 2.85
CA TRP A 63 -0.71 -9.82 3.29
C TRP A 63 -1.63 -10.09 2.10
ZN ZN B . -3.23 0.25 -3.03
ZN ZN C . 9.57 6.60 -3.24
N GLY A 1 -28.68 5.16 4.79
CA GLY A 1 -27.49 4.35 4.99
C GLY A 1 -26.55 4.95 6.01
N SER A 2 -25.70 4.11 6.61
CA SER A 2 -24.75 4.57 7.61
C SER A 2 -23.80 3.44 7.99
N SER A 3 -22.64 3.82 8.56
CA SER A 3 -21.65 2.84 8.97
C SER A 3 -20.51 3.52 9.73
N GLY A 4 -19.80 2.75 10.55
CA GLY A 4 -18.70 3.29 11.31
C GLY A 4 -17.52 2.35 11.39
N SER A 5 -16.35 2.87 11.74
CA SER A 5 -15.14 2.07 11.84
C SER A 5 -14.22 2.61 12.93
N SER A 6 -13.87 1.75 13.88
CA SER A 6 -13.00 2.14 14.98
C SER A 6 -12.33 0.92 15.60
N GLY A 7 -11.08 1.08 16.02
CA GLY A 7 -10.35 -0.01 16.62
C GLY A 7 -8.87 0.04 16.34
N VAL A 8 -8.06 -0.54 17.22
CA VAL A 8 -6.61 -0.56 17.05
C VAL A 8 -6.21 -1.46 15.90
N PHE A 9 -6.81 -2.64 15.83
CA PHE A 9 -6.52 -3.61 14.77
C PHE A 9 -6.20 -2.88 13.47
N HIS A 10 -5.14 -3.33 12.80
CA HIS A 10 -4.73 -2.73 11.53
C HIS A 10 -5.16 -3.60 10.36
N PRO A 11 -6.30 -3.26 9.76
CA PRO A 11 -6.85 -4.00 8.61
C PRO A 11 -6.02 -3.82 7.35
N VAL A 12 -6.29 -4.64 6.35
CA VAL A 12 -5.56 -4.57 5.08
C VAL A 12 -6.10 -3.43 4.20
N GLU A 13 -5.56 -2.24 4.40
CA GLU A 13 -5.97 -1.08 3.63
C GLU A 13 -4.77 -0.37 3.01
N CYS A 14 -4.97 0.20 1.83
CA CYS A 14 -3.90 0.90 1.13
C CYS A 14 -3.82 2.35 1.59
N SER A 15 -2.90 3.11 0.99
CA SER A 15 -2.71 4.52 1.34
C SER A 15 -3.34 5.43 0.29
N TYR A 16 -3.17 5.06 -0.98
CA TYR A 16 -3.71 5.85 -2.07
C TYR A 16 -5.10 5.36 -2.46
N CYS A 17 -5.16 4.16 -3.04
CA CYS A 17 -6.42 3.57 -3.45
C CYS A 17 -7.28 3.21 -2.25
N HIS A 18 -6.66 3.16 -1.08
CA HIS A 18 -7.36 2.83 0.16
C HIS A 18 -8.34 1.68 -0.06
N SER A 19 -7.86 0.61 -0.69
CA SER A 19 -8.70 -0.55 -0.97
C SER A 19 -9.29 -1.11 0.32
N GLU A 20 -10.16 -2.11 0.19
CA GLU A 20 -10.81 -2.73 1.33
C GLU A 20 -10.60 -4.24 1.33
N SER A 21 -10.60 -4.82 0.13
CA SER A 21 -10.41 -6.27 -0.01
C SER A 21 -9.23 -6.75 0.83
N MET A 22 -9.16 -8.06 1.02
CA MET A 22 -8.07 -8.65 1.81
C MET A 22 -6.86 -8.92 0.93
N MET A 23 -6.03 -7.90 0.75
CA MET A 23 -4.83 -8.03 -0.07
C MET A 23 -3.57 -7.86 0.78
N GLY A 24 -2.96 -8.98 1.14
CA GLY A 24 -1.76 -8.94 1.95
C GLY A 24 -0.51 -8.63 1.14
N PHE A 25 -0.49 -7.45 0.53
CA PHE A 25 0.65 -7.04 -0.28
C PHE A 25 1.11 -5.64 0.09
N ARG A 26 2.05 -5.56 1.04
CA ARG A 26 2.57 -4.28 1.49
C ARG A 26 3.88 -3.94 0.77
N TYR A 27 3.81 -2.98 -0.15
CA TYR A 27 4.98 -2.56 -0.91
C TYR A 27 5.51 -1.22 -0.41
N ARG A 28 6.55 -1.27 0.40
CA ARG A 28 7.15 -0.04 0.95
C ARG A 28 8.30 0.43 0.07
N CYS A 29 8.18 1.65 -0.45
CA CYS A 29 9.21 2.22 -1.31
C CYS A 29 10.59 2.06 -0.67
N GLN A 30 11.63 2.19 -1.49
CA GLN A 30 13.00 2.06 -1.01
C GLN A 30 13.40 3.26 -0.14
N GLN A 31 13.61 4.40 -0.78
CA GLN A 31 13.99 5.61 -0.07
C GLN A 31 12.83 6.61 -0.06
N CYS A 32 12.18 6.74 1.10
CA CYS A 32 11.06 7.66 1.25
C CYS A 32 10.59 7.70 2.70
N HIS A 33 9.67 8.62 2.99
CA HIS A 33 9.13 8.76 4.33
C HIS A 33 8.02 7.74 4.60
N ASN A 34 6.87 7.96 3.97
CA ASN A 34 5.73 7.06 4.13
C ASN A 34 5.09 6.75 2.78
N TYR A 35 5.58 5.72 2.11
CA TYR A 35 5.05 5.33 0.81
C TYR A 35 4.81 3.83 0.75
N GLN A 36 3.55 3.43 0.88
CA GLN A 36 3.18 2.03 0.84
C GLN A 36 2.06 1.78 -0.17
N LEU A 37 2.35 0.98 -1.19
CA LEU A 37 1.38 0.67 -2.22
C LEU A 37 1.07 -0.83 -2.25
N CYS A 38 -0.02 -1.19 -2.92
CA CYS A 38 -0.42 -2.59 -3.01
C CYS A 38 -0.15 -3.13 -4.42
N GLN A 39 -0.37 -4.42 -4.59
CA GLN A 39 -0.16 -5.07 -5.88
C GLN A 39 -0.73 -4.23 -7.01
N ASP A 40 -2.01 -3.90 -6.92
CA ASP A 40 -2.69 -3.11 -7.93
C ASP A 40 -1.97 -1.77 -8.13
N CYS A 41 -2.04 -0.92 -7.11
CA CYS A 41 -1.41 0.39 -7.17
C CYS A 41 -0.11 0.34 -7.99
N PHE A 42 0.79 -0.55 -7.59
CA PHE A 42 2.06 -0.71 -8.28
C PHE A 42 1.85 -1.05 -9.75
N TRP A 43 1.03 -2.06 -10.00
CA TRP A 43 0.74 -2.49 -11.37
C TRP A 43 0.39 -1.29 -12.25
N ARG A 44 -0.41 -0.38 -11.70
CA ARG A 44 -0.82 0.82 -12.43
C ARG A 44 0.29 1.86 -12.45
N GLY A 45 0.99 1.99 -11.32
CA GLY A 45 2.08 2.95 -11.24
C GLY A 45 1.64 4.27 -10.62
N HIS A 46 2.04 4.50 -9.38
CA HIS A 46 1.67 5.73 -8.68
C HIS A 46 2.92 6.50 -8.25
N ALA A 47 2.82 7.82 -8.23
CA ALA A 47 3.94 8.67 -7.83
C ALA A 47 3.52 10.13 -7.76
N GLY A 48 4.47 11.00 -7.43
CA GLY A 48 4.18 12.41 -7.33
C GLY A 48 5.40 13.23 -6.95
N GLY A 49 5.22 14.54 -6.88
CA GLY A 49 6.33 15.42 -6.52
C GLY A 49 7.20 14.84 -5.43
N SER A 50 6.59 14.11 -4.51
CA SER A 50 7.32 13.49 -3.40
C SER A 50 7.97 12.19 -3.84
N HIS A 51 7.15 11.20 -4.18
CA HIS A 51 7.65 9.90 -4.61
C HIS A 51 7.93 9.90 -6.11
N SER A 52 9.08 9.36 -6.49
CA SER A 52 9.46 9.30 -7.90
C SER A 52 9.16 7.93 -8.49
N ASN A 53 8.47 7.91 -9.62
CA ASN A 53 8.11 6.67 -10.30
C ASN A 53 9.32 5.76 -10.42
N GLN A 54 10.51 6.34 -10.40
CA GLN A 54 11.75 5.59 -10.52
C GLN A 54 12.19 5.06 -9.15
N HIS A 55 11.23 4.89 -8.25
CA HIS A 55 11.51 4.39 -6.91
C HIS A 55 11.06 2.94 -6.76
N GLN A 56 12.02 2.06 -6.47
CA GLN A 56 11.72 0.65 -6.30
C GLN A 56 11.00 0.39 -4.98
N MET A 57 10.05 -0.54 -5.00
CA MET A 57 9.28 -0.88 -3.81
C MET A 57 9.76 -2.21 -3.22
N LYS A 58 9.49 -2.40 -1.94
CA LYS A 58 9.88 -3.62 -1.25
C LYS A 58 8.66 -4.38 -0.73
N GLU A 59 8.51 -5.62 -1.16
CA GLU A 59 7.38 -6.46 -0.74
C GLU A 59 7.56 -6.92 0.70
N TYR A 60 6.56 -6.67 1.53
CA TYR A 60 6.60 -7.06 2.93
C TYR A 60 5.49 -8.05 3.26
N THR A 61 5.38 -8.40 4.53
CA THR A 61 4.35 -9.35 4.98
C THR A 61 2.95 -8.81 4.69
N SER A 62 2.58 -7.75 5.40
CA SER A 62 1.27 -7.15 5.24
C SER A 62 1.14 -5.89 6.08
N TRP A 63 0.21 -5.01 5.68
CA TRP A 63 0.00 -3.76 6.40
C TRP A 63 -1.37 -3.77 7.09
ZN ZN B . -3.42 0.31 -3.48
ZN ZN C . 9.76 6.74 -3.15
#